data_7L9Y
#
_entry.id   7L9Y
#
_cell.length_a   72.650
_cell.length_b   92.230
_cell.length_c   144.540
_cell.angle_alpha   90.000
_cell.angle_beta   90.000
_cell.angle_gamma   90.000
#
_symmetry.space_group_name_H-M   'P 21 21 21'
#
loop_
_entity.id
_entity.type
_entity.pdbx_description
1 polymer 'Protein mono-ADP-ribosyltransferase PARP14'
2 non-polymer 7-(cyclopentylamino)-5-fluoro-2-{[(piperidin-4-yl)sulfanyl]methyl}quinazolin-4(3H)-one
3 non-polymer 'CHLORIDE ION'
4 non-polymer 1,2-ETHANEDIOL
5 water water
#
_entity_poly.entity_id   1
_entity_poly.type   'polypeptide(L)'
_entity_poly.pdbx_seq_one_letter_code
;SNADMKQQNFCVVELLPSDPEYNTVASKFNQTCSHFRIEKIERIQNPDLWNSYQAKKKTMDAKNGQTMNEKQLFHGTDAG
SVPHVNRNGFNRSYAGKNAVAYGKGTYFAVNANYSANDTYSRPDANGRKHVYYVRVLTGIYTHGNHSLIVPPSKNPQNPT
DLYDTVTDNVHHPSLFVAFYDYQAYPEYLITFRK
;
_entity_poly.pdbx_strand_id   A,B,C,D
#
loop_
_chem_comp.id
_chem_comp.type
_chem_comp.name
_chem_comp.formula
CL non-polymer 'CHLORIDE ION' 'Cl -1'
EDO non-polymer 1,2-ETHANEDIOL 'C2 H6 O2'
XRM non-polymer 7-(cyclopentylamino)-5-fluoro-2-{[(piperidin-4-yl)sulfanyl]methyl}quinazolin-4(3H)-one 'C19 H25 F N4 O S'
#
# COMPACT_ATOMS: atom_id res chain seq x y z
N GLN A 8 -25.01 -3.18 9.68
CA GLN A 8 -23.68 -2.55 9.43
C GLN A 8 -23.72 -1.02 9.40
N ASN A 9 -24.88 -0.40 9.66
CA ASN A 9 -25.03 1.07 9.82
C ASN A 9 -24.59 1.46 11.23
N PHE A 10 -24.07 2.69 11.38
CA PHE A 10 -23.58 3.26 12.66
C PHE A 10 -23.70 4.79 12.61
N CYS A 11 -23.81 5.43 13.77
CA CYS A 11 -23.67 6.89 13.98
C CYS A 11 -22.40 7.14 14.81
N VAL A 12 -21.84 8.33 14.73
CA VAL A 12 -20.69 8.78 15.55
C VAL A 12 -21.15 10.05 16.25
N VAL A 13 -21.06 10.10 17.58
CA VAL A 13 -21.40 11.30 18.39
C VAL A 13 -20.13 11.75 19.11
N GLU A 14 -19.63 12.95 18.79
CA GLU A 14 -18.51 13.62 19.54
C GLU A 14 -19.03 13.91 20.95
N LEU A 15 -18.25 13.50 21.96
CA LEU A 15 -18.48 13.86 23.38
C LEU A 15 -17.96 15.27 23.62
N LEU A 16 -18.74 16.07 24.35
CA LEU A 16 -18.34 17.43 24.81
C LEU A 16 -17.36 17.25 25.97
N PRO A 17 -16.19 17.93 25.97
CA PRO A 17 -15.30 17.91 27.12
C PRO A 17 -15.97 18.17 28.48
N SER A 18 -17.17 18.77 28.48
CA SER A 18 -17.95 19.13 29.69
C SER A 18 -18.81 17.97 30.17
N ASP A 19 -18.81 16.82 29.48
CA ASP A 19 -19.78 15.72 29.72
C ASP A 19 -19.18 14.80 30.79
N PRO A 20 -19.92 14.45 31.86
CA PRO A 20 -19.48 13.40 32.79
C PRO A 20 -18.81 12.24 32.06
N GLU A 21 -19.42 11.73 30.99
CA GLU A 21 -18.90 10.62 30.15
C GLU A 21 -17.48 10.94 29.65
N TYR A 22 -17.25 12.17 29.18
CA TYR A 22 -15.94 12.59 28.61
C TYR A 22 -14.89 12.47 29.72
N ASN A 23 -15.21 12.99 30.89
CA ASN A 23 -14.32 13.04 32.09
C ASN A 23 -13.90 11.61 32.43
N THR A 24 -14.87 10.71 32.59
CA THR A 24 -14.69 9.28 32.92
C THR A 24 -13.69 8.62 31.97
N VAL A 25 -13.84 8.85 30.67
CA VAL A 25 -13.02 8.23 29.58
C VAL A 25 -11.62 8.86 29.59
N ALA A 26 -11.54 10.18 29.67
CA ALA A 26 -10.25 10.92 29.67
C ALA A 26 -9.47 10.53 30.93
N SER A 27 -10.15 10.48 32.07
CA SER A 27 -9.57 10.08 33.38
CA SER A 27 -9.57 10.08 33.38
C SER A 27 -8.78 8.78 33.22
N LYS A 28 -9.43 7.76 32.67
CA LYS A 28 -8.84 6.41 32.52
C LYS A 28 -7.71 6.45 31.48
N PHE A 29 -7.89 7.23 30.39
CA PHE A 29 -6.85 7.42 29.35
C PHE A 29 -5.62 8.09 29.99
N ASN A 30 -5.85 9.07 30.87
CA ASN A 30 -4.79 9.93 31.46
C ASN A 30 -4.09 9.24 32.64
N GLN A 31 -4.58 8.10 33.12
CA GLN A 31 -3.87 7.33 34.17
C GLN A 31 -2.47 6.95 33.67
N THR A 32 -2.25 6.76 32.37
CA THR A 32 -0.90 6.48 31.80
C THR A 32 -0.54 7.40 30.62
N CYS A 33 -1.45 8.28 30.20
CA CYS A 33 -1.29 9.09 28.95
C CYS A 33 -1.59 10.59 29.19
N SER A 34 -1.43 11.10 30.41
CA SER A 34 -1.66 12.54 30.74
C SER A 34 -0.68 13.42 29.97
N HIS A 35 0.47 12.87 29.51
CA HIS A 35 1.52 13.58 28.72
C HIS A 35 1.15 13.69 27.24
N PHE A 36 -0.05 13.24 26.85
CA PHE A 36 -0.61 13.38 25.49
C PHE A 36 -1.76 14.41 25.54
N ARG A 37 -2.01 15.08 24.41
CA ARG A 37 -3.03 16.13 24.24
C ARG A 37 -4.24 15.51 23.54
N ILE A 38 -5.38 15.49 24.22
CA ILE A 38 -6.65 14.91 23.67
C ILE A 38 -7.27 15.92 22.72
N GLU A 39 -7.48 15.51 21.47
CA GLU A 39 -8.01 16.32 20.35
C GLU A 39 -9.53 16.17 20.29
N LYS A 40 -10.05 14.95 20.42
CA LYS A 40 -11.49 14.73 20.73
C LYS A 40 -11.76 13.26 21.07
N ILE A 41 -12.96 13.03 21.59
CA ILE A 41 -13.48 11.68 21.95
C ILE A 41 -14.90 11.57 21.37
N GLU A 42 -15.09 10.53 20.55
CA GLU A 42 -16.38 10.19 19.90
C GLU A 42 -16.90 8.88 20.50
N ARG A 43 -18.21 8.82 20.75
CA ARG A 43 -18.97 7.57 21.01
C ARG A 43 -19.40 6.97 19.66
N ILE A 44 -19.04 5.72 19.36
CA ILE A 44 -19.52 4.94 18.18
C ILE A 44 -20.85 4.27 18.54
N GLN A 45 -21.89 4.41 17.71
CA GLN A 45 -23.24 3.83 17.99
C GLN A 45 -23.65 2.92 16.83
N ASN A 46 -23.32 1.63 16.92
CA ASN A 46 -23.50 0.57 15.88
C ASN A 46 -24.51 -0.44 16.42
N PRO A 47 -25.84 -0.23 16.25
CA PRO A 47 -26.87 -0.99 16.95
C PRO A 47 -26.72 -2.52 16.84
N ASP A 48 -26.32 -3.02 15.66
CA ASP A 48 -26.11 -4.46 15.40
C ASP A 48 -24.99 -4.95 16.32
N LEU A 49 -23.80 -4.35 16.21
CA LEU A 49 -22.58 -4.71 17.00
C LEU A 49 -22.92 -4.68 18.51
N TRP A 50 -23.69 -3.68 18.94
CA TRP A 50 -24.13 -3.50 20.35
C TRP A 50 -24.99 -4.68 20.78
N ASN A 51 -26.00 -5.05 19.99
CA ASN A 51 -26.98 -6.10 20.37
C ASN A 51 -26.28 -7.46 20.42
N SER A 52 -25.41 -7.78 19.44
CA SER A 52 -24.54 -8.98 19.45
C SER A 52 -23.75 -9.07 20.75
N TYR A 53 -23.10 -7.96 21.13
CA TYR A 53 -22.28 -7.83 22.35
C TYR A 53 -23.12 -8.03 23.62
N GLN A 54 -24.24 -7.32 23.78
CA GLN A 54 -25.12 -7.42 24.99
C GLN A 54 -25.64 -8.87 25.14
N ALA A 55 -26.02 -9.50 24.01
CA ALA A 55 -26.56 -10.88 23.96
C ALA A 55 -25.48 -11.86 24.43
N LYS A 56 -24.25 -11.69 23.94
CA LYS A 56 -23.09 -12.53 24.32
C LYS A 56 -22.76 -12.27 25.77
N LYS A 57 -22.93 -11.04 26.24
CA LYS A 57 -22.67 -10.72 27.68
C LYS A 57 -23.70 -11.45 28.54
N LYS A 58 -24.97 -11.46 28.15
CA LYS A 58 -26.05 -12.08 28.94
C LYS A 58 -25.77 -13.59 29.18
N THR A 59 -25.30 -14.30 28.15
CA THR A 59 -25.07 -15.77 28.19
C THR A 59 -23.77 -16.06 28.96
N MET A 60 -22.80 -15.16 28.95
CA MET A 60 -21.56 -15.29 29.76
C MET A 60 -21.92 -15.15 31.24
N ASP A 61 -22.78 -14.20 31.59
CA ASP A 61 -23.19 -13.92 32.99
C ASP A 61 -23.98 -15.13 33.55
N ALA A 62 -24.67 -15.87 32.70
CA ALA A 62 -25.46 -17.07 33.12
C ALA A 62 -24.53 -18.28 33.30
N LYS A 63 -23.26 -18.17 32.90
CA LYS A 63 -22.36 -19.31 32.61
C LYS A 63 -21.11 -19.31 33.52
N ASN A 64 -20.52 -18.15 33.83
CA ASN A 64 -19.21 -18.07 34.54
C ASN A 64 -19.40 -17.69 36.02
N GLY A 65 -20.62 -17.84 36.55
CA GLY A 65 -20.95 -17.64 37.97
C GLY A 65 -20.58 -16.25 38.43
N GLN A 66 -19.58 -16.15 39.31
CA GLN A 66 -19.17 -14.91 40.01
C GLN A 66 -18.22 -14.07 39.13
N THR A 67 -17.57 -14.67 38.12
CA THR A 67 -16.58 -13.94 37.27
C THR A 67 -17.19 -12.64 36.77
N MET A 68 -16.42 -11.54 36.84
CA MET A 68 -16.74 -10.25 36.18
C MET A 68 -16.24 -10.35 34.72
N ASN A 69 -17.18 -10.51 33.80
CA ASN A 69 -16.86 -10.93 32.40
C ASN A 69 -16.36 -9.73 31.59
N GLU A 70 -16.84 -8.54 31.94
CA GLU A 70 -16.62 -7.28 31.17
C GLU A 70 -15.42 -6.55 31.75
N LYS A 71 -14.46 -6.19 30.90
CA LYS A 71 -13.38 -5.21 31.18
C LYS A 71 -13.49 -4.06 30.18
N GLN A 72 -12.89 -2.90 30.45
CA GLN A 72 -12.76 -1.78 29.47
C GLN A 72 -11.29 -1.61 29.16
N LEU A 73 -10.90 -1.80 27.90
CA LEU A 73 -9.48 -1.88 27.49
C LEU A 73 -9.26 -0.98 26.27
N PHE A 74 -7.99 -0.73 25.96
CA PHE A 74 -7.57 0.24 24.93
C PHE A 74 -7.12 -0.53 23.70
N HIS A 75 -7.38 0.00 22.51
CA HIS A 75 -6.91 -0.55 21.23
C HIS A 75 -6.43 0.59 20.34
N GLY A 76 -5.12 0.68 20.18
CA GLY A 76 -4.45 1.56 19.21
C GLY A 76 -4.59 1.01 17.82
N THR A 77 -4.72 1.88 16.81
CA THR A 77 -4.89 1.49 15.39
C THR A 77 -4.58 2.70 14.49
N ASP A 78 -4.38 2.47 13.19
CA ASP A 78 -4.19 3.54 12.17
C ASP A 78 -5.57 4.14 11.82
N ALA A 79 -5.58 5.40 11.37
CA ALA A 79 -6.80 6.12 10.91
C ALA A 79 -7.55 5.25 9.91
N GLY A 80 -6.80 4.60 9.01
CA GLY A 80 -7.30 3.72 7.93
C GLY A 80 -8.27 2.67 8.43
N SER A 81 -8.07 2.18 9.65
CA SER A 81 -8.83 1.04 10.23
C SER A 81 -10.12 1.51 10.92
N VAL A 82 -10.23 2.81 11.20
CA VAL A 82 -11.31 3.36 12.07
C VAL A 82 -12.68 3.12 11.44
N PRO A 83 -12.86 3.41 10.12
CA PRO A 83 -14.15 3.18 9.47
C PRO A 83 -14.54 1.69 9.47
N HIS A 84 -13.58 0.82 9.15
CA HIS A 84 -13.76 -0.65 9.14
C HIS A 84 -14.30 -1.10 10.50
N VAL A 85 -13.63 -0.68 11.57
CA VAL A 85 -13.94 -1.08 12.97
C VAL A 85 -15.30 -0.47 13.37
N ASN A 86 -15.59 0.76 12.95
CA ASN A 86 -16.84 1.43 13.37
C ASN A 86 -18.02 0.64 12.77
N ARG A 87 -17.76 -0.07 11.68
CA ARG A 87 -18.82 -0.74 10.89
C ARG A 87 -18.91 -2.21 11.29
N ASN A 88 -17.78 -2.92 11.18
CA ASN A 88 -17.67 -4.40 11.26
C ASN A 88 -17.33 -4.88 12.68
N GLY A 89 -16.88 -3.98 13.55
CA GLY A 89 -16.27 -4.33 14.85
C GLY A 89 -14.87 -4.91 14.68
N PHE A 90 -14.38 -5.60 15.71
CA PHE A 90 -13.05 -6.26 15.70
C PHE A 90 -13.23 -7.69 15.21
N ASN A 91 -13.40 -7.84 13.89
CA ASN A 91 -13.84 -9.08 13.22
C ASN A 91 -12.61 -9.83 12.73
N ARG A 92 -12.84 -10.93 12.02
CA ARG A 92 -11.80 -11.90 11.59
C ARG A 92 -10.83 -11.23 10.62
N SER A 93 -11.33 -10.44 9.67
CA SER A 93 -10.47 -9.78 8.65
C SER A 93 -9.58 -8.76 9.35
N TYR A 94 -10.12 -8.02 10.33
CA TYR A 94 -9.36 -7.05 11.17
C TYR A 94 -8.30 -7.80 12.00
N ALA A 95 -8.68 -8.93 12.58
CA ALA A 95 -7.81 -9.80 13.40
C ALA A 95 -6.57 -10.23 12.60
N GLY A 96 -6.71 -10.38 11.28
CA GLY A 96 -5.60 -10.72 10.38
C GLY A 96 -4.49 -9.67 10.43
N LYS A 97 -4.82 -8.42 10.73
CA LYS A 97 -3.90 -7.26 10.76
C LYS A 97 -3.21 -7.11 12.14
N ASN A 98 -3.64 -7.84 13.16
CA ASN A 98 -3.04 -7.77 14.53
C ASN A 98 -1.80 -8.67 14.60
N ALA A 99 -1.05 -8.61 15.70
CA ALA A 99 0.04 -9.57 16.03
C ALA A 99 -0.57 -10.96 16.25
N VAL A 100 0.28 -11.99 16.33
CA VAL A 100 -0.16 -13.41 16.49
C VAL A 100 0.52 -14.09 17.69
N ALA A 101 1.48 -13.45 18.35
CA ALA A 101 2.35 -14.08 19.37
C ALA A 101 1.54 -14.77 20.48
N TYR A 102 0.34 -14.28 20.80
CA TYR A 102 -0.57 -14.82 21.85
C TYR A 102 -1.87 -15.34 21.24
N GLY A 103 -1.94 -15.51 19.92
CA GLY A 103 -3.10 -16.06 19.20
C GLY A 103 -3.57 -15.18 18.07
N LYS A 104 -4.44 -15.75 17.23
CA LYS A 104 -5.12 -15.09 16.08
C LYS A 104 -6.42 -14.43 16.59
N GLY A 105 -6.35 -13.14 16.89
CA GLY A 105 -7.52 -12.33 17.24
C GLY A 105 -7.12 -10.88 17.35
N THR A 106 -8.00 -10.06 17.94
CA THR A 106 -7.75 -8.62 18.19
C THR A 106 -7.19 -8.43 19.61
N TYR A 107 -6.14 -7.61 19.73
CA TYR A 107 -5.35 -7.36 20.95
C TYR A 107 -5.87 -6.09 21.64
N PHE A 108 -6.04 -6.16 22.95
CA PHE A 108 -6.53 -5.05 23.81
C PHE A 108 -5.58 -4.90 25.01
N ALA A 109 -5.08 -3.70 25.30
CA ALA A 109 -4.19 -3.40 26.44
C ALA A 109 -5.02 -2.98 27.64
N VAL A 110 -4.53 -3.30 28.86
CA VAL A 110 -5.12 -2.89 30.15
C VAL A 110 -4.85 -1.40 30.34
N ASN A 111 -3.66 -0.94 29.92
CA ASN A 111 -3.19 0.46 30.11
C ASN A 111 -3.07 1.16 28.76
N ALA A 112 -3.64 2.36 28.67
CA ALA A 112 -3.68 3.17 27.43
C ALA A 112 -2.27 3.36 26.85
N ASN A 113 -1.23 3.48 27.67
CA ASN A 113 0.12 3.85 27.18
C ASN A 113 0.75 2.68 26.40
N TYR A 114 0.23 1.47 26.52
CA TYR A 114 0.63 0.31 25.68
C TYR A 114 0.08 0.57 24.26
N SER A 115 -1.23 0.85 24.18
CA SER A 115 -1.99 1.11 22.94
C SER A 115 -1.43 2.37 22.26
N ALA A 116 -0.98 3.34 23.05
CA ALA A 116 -0.50 4.65 22.56
C ALA A 116 0.87 4.54 21.90
N ASN A 117 1.53 3.39 21.95
CA ASN A 117 2.79 3.15 21.20
C ASN A 117 2.51 3.41 19.71
N ASP A 118 3.49 3.97 19.00
CA ASP A 118 3.36 4.38 17.57
C ASP A 118 3.20 3.15 16.67
N THR A 119 3.63 1.97 17.11
CA THR A 119 3.49 0.69 16.35
C THR A 119 1.99 0.37 16.15
N TYR A 120 1.14 0.73 17.12
CA TYR A 120 -0.29 0.34 17.17
C TYR A 120 -1.14 1.51 16.68
N SER A 121 -1.15 2.61 17.46
CA SER A 121 -1.82 3.88 17.10
C SER A 121 -0.85 4.70 16.24
N ARG A 122 -0.60 4.26 15.01
CA ARG A 122 0.35 4.91 14.07
C ARG A 122 -0.12 6.35 13.83
N PRO A 123 0.75 7.37 13.97
CA PRO A 123 0.37 8.75 13.72
C PRO A 123 0.08 8.98 12.23
N ASP A 124 -1.06 9.62 11.91
CA ASP A 124 -1.46 9.94 10.51
C ASP A 124 -0.57 11.10 10.01
N ALA A 125 -0.80 11.60 8.81
CA ALA A 125 0.05 12.63 8.16
C ALA A 125 0.10 13.91 9.01
N ASN A 126 -0.98 14.19 9.77
CA ASN A 126 -1.13 15.38 10.67
C ASN A 126 -0.59 15.09 12.08
N GLY A 127 -0.06 13.89 12.33
CA GLY A 127 0.47 13.46 13.64
C GLY A 127 -0.62 13.03 14.61
N ARG A 128 -1.86 12.81 14.15
CA ARG A 128 -3.00 12.38 15.01
C ARG A 128 -2.89 10.87 15.29
N LYS A 129 -3.19 10.47 16.53
CA LYS A 129 -3.15 9.07 16.99
C LYS A 129 -4.55 8.68 17.46
N HIS A 130 -4.90 7.41 17.20
CA HIS A 130 -6.26 6.84 17.39
C HIS A 130 -6.18 5.63 18.32
N VAL A 131 -6.97 5.65 19.38
CA VAL A 131 -7.02 4.58 20.41
C VAL A 131 -8.48 4.44 20.84
N TYR A 132 -9.01 3.23 20.82
CA TYR A 132 -10.39 2.90 21.25
C TYR A 132 -10.37 2.54 22.74
N TYR A 133 -11.41 2.97 23.47
CA TYR A 133 -11.75 2.48 24.82
C TYR A 133 -12.94 1.53 24.65
N VAL A 134 -12.61 0.24 24.63
CA VAL A 134 -13.44 -0.92 24.15
C VAL A 134 -14.02 -1.64 25.36
N ARG A 135 -15.31 -1.96 25.34
CA ARG A 135 -15.89 -2.99 26.22
C ARG A 135 -15.49 -4.37 25.68
N VAL A 136 -14.70 -5.15 26.41
CA VAL A 136 -14.29 -6.52 25.99
C VAL A 136 -14.85 -7.53 27.00
N LEU A 137 -15.48 -8.60 26.53
CA LEU A 137 -15.94 -9.72 27.39
C LEU A 137 -14.80 -10.74 27.49
N THR A 138 -13.88 -10.49 28.42
CA THR A 138 -12.67 -11.30 28.69
C THR A 138 -13.09 -12.63 29.29
N GLY A 139 -14.20 -12.62 30.07
CA GLY A 139 -14.78 -13.80 30.76
C GLY A 139 -13.70 -14.60 31.50
N ILE A 140 -13.62 -15.91 31.25
CA ILE A 140 -12.59 -16.84 31.79
C ILE A 140 -11.49 -17.02 30.75
N TYR A 141 -10.24 -16.73 31.10
CA TYR A 141 -9.11 -16.67 30.13
C TYR A 141 -7.95 -17.54 30.61
N THR A 142 -7.03 -17.83 29.69
CA THR A 142 -5.83 -18.69 29.91
C THR A 142 -4.65 -18.04 29.17
N HIS A 143 -3.42 -18.54 29.37
CA HIS A 143 -2.21 -18.07 28.63
C HIS A 143 -2.45 -18.36 27.15
N GLY A 144 -2.27 -17.35 26.30
CA GLY A 144 -2.31 -17.47 24.83
C GLY A 144 -0.96 -17.90 24.30
N ASN A 145 -0.92 -18.38 23.06
CA ASN A 145 0.31 -18.68 22.28
C ASN A 145 -0.03 -18.67 20.77
N HIS A 146 0.98 -18.75 19.90
CA HIS A 146 0.84 -18.51 18.44
C HIS A 146 -0.10 -19.53 17.79
N SER A 147 -0.18 -20.75 18.32
CA SER A 147 -0.94 -21.87 17.68
C SER A 147 -2.47 -21.69 17.85
N LEU A 148 -2.92 -20.90 18.83
CA LEU A 148 -4.37 -20.74 19.13
C LEU A 148 -4.98 -19.87 18.05
N ILE A 149 -5.59 -20.49 17.04
CA ILE A 149 -6.25 -19.78 15.90
C ILE A 149 -7.77 -19.81 16.12
N VAL A 150 -8.19 -20.36 17.25
CA VAL A 150 -9.57 -20.30 17.81
C VAL A 150 -9.46 -20.38 19.33
N PRO A 151 -10.53 -20.07 20.09
CA PRO A 151 -10.47 -20.15 21.56
C PRO A 151 -10.15 -21.57 22.00
N PRO A 152 -9.11 -21.79 22.85
CA PRO A 152 -8.78 -23.14 23.26
C PRO A 152 -9.89 -23.70 24.16
N SER A 153 -9.98 -25.02 24.14
CA SER A 153 -10.87 -25.81 25.03
C SER A 153 -10.13 -25.99 26.36
N LYS A 154 -10.90 -25.99 27.45
CA LYS A 154 -10.38 -26.31 28.80
C LYS A 154 -9.82 -27.73 28.77
N ASN A 155 -10.65 -28.67 28.32
CA ASN A 155 -10.30 -30.09 28.09
C ASN A 155 -10.02 -30.29 26.61
N PRO A 156 -8.82 -30.73 26.17
CA PRO A 156 -8.56 -31.04 24.77
C PRO A 156 -9.44 -32.16 24.19
N GLN A 157 -10.02 -33.01 25.04
CA GLN A 157 -10.95 -34.10 24.64
C GLN A 157 -12.41 -33.60 24.54
N ASN A 158 -12.70 -32.34 24.88
CA ASN A 158 -14.08 -31.80 24.97
C ASN A 158 -14.09 -30.34 24.51
N PRO A 159 -14.42 -30.07 23.23
CA PRO A 159 -14.41 -28.70 22.71
C PRO A 159 -15.72 -27.95 22.95
N THR A 160 -16.62 -28.46 23.79
CA THR A 160 -17.86 -27.75 24.21
C THR A 160 -17.62 -26.79 25.39
N ASP A 161 -16.50 -26.94 26.12
CA ASP A 161 -16.03 -25.96 27.15
C ASP A 161 -14.83 -25.21 26.59
N LEU A 162 -15.07 -23.97 26.13
CA LEU A 162 -14.03 -23.06 25.57
C LEU A 162 -13.77 -21.92 26.56
N TYR A 163 -12.50 -21.50 26.65
CA TYR A 163 -12.11 -20.22 27.27
C TYR A 163 -12.75 -19.10 26.45
N ASP A 164 -13.03 -17.95 27.07
CA ASP A 164 -13.61 -16.76 26.40
C ASP A 164 -12.50 -15.99 25.69
N THR A 165 -11.39 -15.67 26.35
CA THR A 165 -10.25 -14.92 25.73
C THR A 165 -8.92 -15.57 26.14
N VAL A 166 -7.80 -15.04 25.67
CA VAL A 166 -6.47 -15.42 26.21
C VAL A 166 -5.74 -14.14 26.62
N THR A 167 -4.66 -14.26 27.39
CA THR A 167 -3.84 -13.11 27.87
C THR A 167 -2.36 -13.51 27.84
N ASP A 168 -1.47 -12.58 28.20
CA ASP A 168 0.00 -12.79 28.24
C ASP A 168 0.40 -13.38 29.60
N ASN A 169 -0.43 -13.18 30.62
CA ASN A 169 -0.17 -13.53 32.03
C ASN A 169 -1.51 -13.52 32.80
N VAL A 170 -1.92 -14.67 33.32
CA VAL A 170 -3.32 -14.90 33.78
C VAL A 170 -3.56 -14.09 35.06
N HIS A 171 -2.55 -13.97 35.92
CA HIS A 171 -2.68 -13.43 37.30
C HIS A 171 -2.21 -11.97 37.32
N HIS A 172 -1.35 -11.54 36.39
CA HIS A 172 -0.92 -10.13 36.22
C HIS A 172 -1.03 -9.74 34.74
N PRO A 173 -2.25 -9.60 34.19
CA PRO A 173 -2.44 -9.39 32.75
C PRO A 173 -2.14 -7.95 32.29
N SER A 174 -1.50 -7.82 31.12
N SER A 174 -1.50 -7.82 31.12
CA SER A 174 -1.20 -6.54 30.43
CA SER A 174 -1.19 -6.53 30.43
C SER A 174 -2.08 -6.37 29.19
C SER A 174 -2.08 -6.37 29.19
N LEU A 175 -2.52 -7.48 28.58
CA LEU A 175 -3.32 -7.49 27.32
C LEU A 175 -4.28 -8.69 27.26
N PHE A 176 -5.24 -8.62 26.33
CA PHE A 176 -6.24 -9.67 26.06
C PHE A 176 -6.43 -9.81 24.55
N VAL A 177 -6.53 -11.04 24.06
CA VAL A 177 -6.92 -11.38 22.66
C VAL A 177 -8.38 -11.86 22.67
N ALA A 178 -9.25 -11.21 21.88
CA ALA A 178 -10.63 -11.64 21.58
C ALA A 178 -10.66 -12.18 20.14
N PHE A 179 -11.45 -13.23 19.91
CA PHE A 179 -11.41 -14.04 18.66
C PHE A 179 -12.53 -13.59 17.73
N TYR A 180 -13.70 -13.24 18.26
CA TYR A 180 -14.91 -12.96 17.45
C TYR A 180 -15.43 -11.54 17.73
N ASP A 181 -16.15 -10.99 16.76
CA ASP A 181 -16.62 -9.58 16.77
C ASP A 181 -17.65 -9.34 17.88
N TYR A 182 -18.41 -10.36 18.31
CA TYR A 182 -19.52 -10.17 19.31
C TYR A 182 -18.94 -10.02 20.73
N GLN A 183 -17.62 -10.17 20.88
CA GLN A 183 -16.91 -10.22 22.19
C GLN A 183 -16.43 -8.83 22.62
N ALA A 184 -16.44 -7.83 21.76
CA ALA A 184 -15.80 -6.51 21.99
C ALA A 184 -16.61 -5.45 21.25
N TYR A 185 -16.93 -4.35 21.93
CA TYR A 185 -17.68 -3.22 21.33
C TYR A 185 -16.83 -1.96 21.38
N PRO A 186 -16.53 -1.32 20.22
CA PRO A 186 -15.63 -0.16 20.19
C PRO A 186 -16.35 1.12 20.60
N GLU A 187 -16.61 1.29 21.91
CA GLU A 187 -17.60 2.24 22.47
C GLU A 187 -17.15 3.68 22.23
N TYR A 188 -15.86 3.96 22.46
CA TYR A 188 -15.27 5.32 22.41
C TYR A 188 -14.00 5.28 21.57
N LEU A 189 -13.84 6.28 20.72
CA LEU A 189 -12.60 6.54 19.94
C LEU A 189 -11.99 7.86 20.41
N ILE A 190 -10.76 7.77 20.89
CA ILE A 190 -9.97 8.92 21.41
C ILE A 190 -8.97 9.29 20.31
N THR A 191 -9.12 10.51 19.78
CA THR A 191 -8.13 11.14 18.89
C THR A 191 -7.28 12.08 19.75
N PHE A 192 -5.95 11.99 19.62
CA PHE A 192 -4.98 12.69 20.50
C PHE A 192 -3.65 12.82 19.76
N ARG A 193 -2.77 13.70 20.25
CA ARG A 193 -1.42 13.94 19.67
C ARG A 193 -0.41 14.16 20.80
N LYS A 194 0.89 14.03 20.48
CA LYS A 194 2.03 14.20 21.42
C LYS A 194 2.05 15.62 21.98
N GLN B 8 26.57 -1.91 -4.44
CA GLN B 8 25.77 -3.15 -4.14
C GLN B 8 25.21 -3.67 -5.47
N ASN B 9 26.15 -4.08 -6.32
CA ASN B 9 25.95 -4.65 -7.67
C ASN B 9 25.53 -6.11 -7.53
N PHE B 10 24.71 -6.61 -8.47
CA PHE B 10 24.25 -8.01 -8.57
C PHE B 10 23.93 -8.36 -10.03
N CYS B 11 24.04 -9.63 -10.40
CA CYS B 11 23.52 -10.23 -11.66
C CYS B 11 22.39 -11.18 -11.31
N VAL B 12 21.50 -11.46 -12.25
CA VAL B 12 20.41 -12.46 -12.11
C VAL B 12 20.57 -13.43 -13.27
N VAL B 13 20.70 -14.74 -13.02
CA VAL B 13 20.81 -15.78 -14.07
C VAL B 13 19.62 -16.73 -13.93
N GLU B 14 18.76 -16.79 -14.97
CA GLU B 14 17.64 -17.75 -15.07
C GLU B 14 18.25 -19.15 -15.20
N LEU B 15 17.76 -20.07 -14.37
CA LEU B 15 18.10 -21.51 -14.43
C LEU B 15 17.23 -22.19 -15.50
N LEU B 16 17.87 -23.01 -16.34
CA LEU B 16 17.17 -23.83 -17.37
C LEU B 16 16.61 -25.07 -16.68
N PRO B 17 15.34 -25.45 -16.92
CA PRO B 17 14.82 -26.73 -16.44
C PRO B 17 15.70 -27.95 -16.72
N SER B 18 16.71 -27.85 -17.60
CA SER B 18 17.68 -28.94 -17.92
C SER B 18 18.81 -29.03 -16.88
N ASP B 19 18.89 -28.08 -15.94
CA ASP B 19 20.11 -27.88 -15.12
C ASP B 19 19.99 -28.73 -13.86
N PRO B 20 21.02 -29.54 -13.51
CA PRO B 20 21.05 -30.20 -12.21
C PRO B 20 20.50 -29.30 -11.09
N GLU B 21 20.99 -28.05 -11.05
CA GLU B 21 20.61 -27.01 -10.05
C GLU B 21 19.08 -26.82 -10.04
N TYR B 22 18.45 -26.75 -11.22
CA TYR B 22 17.00 -26.49 -11.34
C TYR B 22 16.25 -27.62 -10.65
N ASN B 23 16.64 -28.86 -10.97
CA ASN B 23 16.03 -30.12 -10.47
C ASN B 23 16.07 -30.09 -8.94
N THR B 24 17.27 -29.90 -8.38
CA THR B 24 17.56 -29.85 -6.93
C THR B 24 16.59 -28.90 -6.20
N VAL B 25 16.43 -27.69 -6.75
CA VAL B 25 15.62 -26.58 -6.16
C VAL B 25 14.14 -26.90 -6.30
N ALA B 26 13.72 -27.33 -7.48
CA ALA B 26 12.31 -27.64 -7.78
C ALA B 26 11.88 -28.84 -6.92
N SER B 27 12.75 -29.86 -6.84
CA SER B 27 12.53 -31.06 -6.01
CA SER B 27 12.53 -31.07 -6.01
C SER B 27 12.09 -30.65 -4.60
N LYS B 28 12.89 -29.80 -3.96
CA LYS B 28 12.66 -29.38 -2.55
C LYS B 28 11.42 -28.49 -2.49
N PHE B 29 11.18 -27.64 -3.50
CA PHE B 29 9.98 -26.79 -3.59
C PHE B 29 8.75 -27.68 -3.70
N ASN B 30 8.83 -28.75 -4.50
CA ASN B 30 7.69 -29.63 -4.86
C ASN B 30 7.40 -30.65 -3.76
N GLN B 31 8.26 -30.78 -2.74
CA GLN B 31 7.97 -31.68 -1.59
C GLN B 31 6.65 -31.26 -0.94
N THR B 32 6.28 -29.98 -0.97
CA THR B 32 4.99 -29.49 -0.40
C THR B 32 4.23 -28.60 -1.39
N CYS B 33 4.76 -28.32 -2.59
CA CYS B 33 4.18 -27.33 -3.54
C CYS B 33 4.10 -27.89 -4.97
N SER B 34 4.01 -29.22 -5.15
CA SER B 34 3.88 -29.88 -6.47
C SER B 34 2.57 -29.46 -7.15
N HIS B 35 1.57 -29.00 -6.38
CA HIS B 35 0.24 -28.54 -6.87
C HIS B 35 0.28 -27.10 -7.38
N PHE B 36 1.46 -26.48 -7.41
CA PHE B 36 1.70 -25.13 -8.01
C PHE B 36 2.51 -25.32 -9.31
N ARG B 37 2.37 -24.36 -10.24
CA ARG B 37 3.03 -24.36 -11.56
C ARG B 37 4.25 -23.44 -11.48
N ILE B 38 5.45 -23.99 -11.63
CA ILE B 38 6.73 -23.22 -11.61
C ILE B 38 6.87 -22.49 -12.96
N GLU B 39 6.97 -21.16 -12.91
CA GLU B 39 7.04 -20.25 -14.08
C GLU B 39 8.52 -20.02 -14.42
N LYS B 40 9.36 -19.77 -13.43
CA LYS B 40 10.84 -19.82 -13.61
C LYS B 40 11.56 -19.78 -12.25
N ILE B 41 12.85 -20.07 -12.32
CA ILE B 41 13.81 -20.06 -11.18
C ILE B 41 15.05 -19.30 -11.64
N GLU B 42 15.42 -18.23 -10.91
CA GLU B 42 16.63 -17.41 -11.15
C GLU B 42 17.60 -17.58 -9.98
N ARG B 43 18.91 -17.68 -10.27
CA ARG B 43 20.02 -17.55 -9.30
C ARG B 43 20.38 -16.05 -9.17
N ILE B 44 20.34 -15.48 -7.95
CA ILE B 44 20.80 -14.10 -7.62
C ILE B 44 22.31 -14.15 -7.34
N GLN B 45 23.12 -13.28 -7.94
CA GLN B 45 24.60 -13.27 -7.76
C GLN B 45 25.04 -11.88 -7.30
N ASN B 46 25.10 -11.65 -5.98
CA ASN B 46 25.37 -10.36 -5.30
C ASN B 46 26.69 -10.48 -4.54
N PRO B 47 27.86 -10.24 -5.18
CA PRO B 47 29.16 -10.54 -4.58
C PRO B 47 29.39 -10.01 -3.15
N ASP B 48 28.91 -8.81 -2.85
CA ASP B 48 29.02 -8.18 -1.51
C ASP B 48 28.24 -9.07 -0.52
N LEU B 49 26.94 -9.29 -0.75
CA LEU B 49 26.04 -10.09 0.11
C LEU B 49 26.64 -11.50 0.33
N TRP B 50 27.20 -12.08 -0.74
CA TRP B 50 27.85 -13.41 -0.72
C TRP B 50 29.04 -13.40 0.22
N ASN B 51 29.93 -12.41 0.11
CA ASN B 51 31.21 -12.37 0.88
C ASN B 51 30.91 -12.15 2.36
N SER B 52 29.96 -11.27 2.71
CA SER B 52 29.45 -11.08 4.10
C SER B 52 29.00 -12.42 4.69
N TYR B 53 28.17 -13.15 3.93
CA TYR B 53 27.61 -14.47 4.31
C TYR B 53 28.71 -15.51 4.48
N GLN B 54 29.61 -15.69 3.50
CA GLN B 54 30.71 -16.69 3.57
C GLN B 54 31.63 -16.41 4.75
N ALA B 55 31.93 -15.13 5.01
CA ALA B 55 32.82 -14.67 6.11
C ALA B 55 32.17 -15.05 7.45
N LYS B 56 30.86 -14.79 7.58
CA LYS B 56 30.09 -15.12 8.80
C LYS B 56 30.01 -16.63 8.92
N LYS B 57 29.91 -17.35 7.81
CA LYS B 57 29.86 -18.84 7.84
C LYS B 57 31.21 -19.36 8.33
N LYS B 58 32.34 -18.80 7.87
CA LYS B 58 33.70 -19.27 8.25
C LYS B 58 33.89 -19.21 9.78
N THR B 59 33.44 -18.13 10.43
CA THR B 59 33.64 -17.87 11.88
C THR B 59 32.65 -18.72 12.68
N MET B 60 31.48 -19.05 12.13
CA MET B 60 30.49 -19.95 12.76
C MET B 60 31.07 -21.37 12.77
N ASP B 61 31.70 -21.80 11.67
CA ASP B 61 32.29 -23.16 11.52
C ASP B 61 33.48 -23.32 12.48
N ALA B 62 34.19 -22.26 12.81
CA ALA B 62 35.34 -22.29 13.74
C ALA B 62 34.86 -22.32 15.19
N LYS B 63 33.55 -22.14 15.42
CA LYS B 63 32.95 -21.77 16.73
C LYS B 63 31.99 -22.85 17.24
N ASN B 64 31.17 -23.47 16.37
CA ASN B 64 30.07 -24.39 16.82
C ASN B 64 30.45 -25.85 16.58
N GLY B 65 31.73 -26.15 16.40
CA GLY B 65 32.26 -27.52 16.37
C GLY B 65 31.62 -28.35 15.28
N GLN B 66 30.80 -29.35 15.64
CA GLN B 66 30.20 -30.33 14.70
C GLN B 66 28.91 -29.77 14.07
N THR B 67 28.27 -28.77 14.69
CA THR B 67 26.97 -28.23 14.22
C THR B 67 27.05 -27.93 12.72
N MET B 68 26.04 -28.35 11.95
CA MET B 68 25.85 -27.93 10.54
C MET B 68 25.11 -26.59 10.58
N ASN B 69 25.83 -25.50 10.33
CA ASN B 69 25.37 -24.12 10.60
C ASN B 69 24.39 -23.66 9.53
N GLU B 70 24.55 -24.19 8.31
CA GLU B 70 23.79 -23.80 7.09
C GLU B 70 22.57 -24.72 6.94
N LYS B 71 21.40 -24.12 6.78
CA LYS B 71 20.16 -24.76 6.27
C LYS B 71 19.72 -24.03 5.00
N GLN B 72 18.87 -24.64 4.17
CA GLN B 72 18.27 -23.99 2.97
C GLN B 72 16.77 -23.92 3.21
N LEU B 73 16.23 -22.71 3.25
CA LEU B 73 14.85 -22.46 3.73
C LEU B 73 14.16 -21.51 2.74
N PHE B 74 12.84 -21.38 2.86
CA PHE B 74 11.97 -20.68 1.90
C PHE B 74 11.55 -19.35 2.52
N HIS B 75 11.45 -18.30 1.69
CA HIS B 75 10.94 -16.98 2.11
C HIS B 75 10.01 -16.44 1.03
N GLY B 76 8.71 -16.43 1.33
CA GLY B 76 7.67 -15.79 0.51
C GLY B 76 7.72 -14.29 0.71
N THR B 77 7.42 -13.52 -0.33
CA THR B 77 7.45 -12.03 -0.31
C THR B 77 6.65 -11.50 -1.52
N ASP B 78 6.31 -10.21 -1.50
CA ASP B 78 5.65 -9.50 -2.64
C ASP B 78 6.70 -9.18 -3.72
N ALA B 79 6.25 -9.07 -4.96
CA ALA B 79 7.08 -8.69 -6.14
C ALA B 79 7.89 -7.42 -5.81
N GLY B 80 7.24 -6.48 -5.14
CA GLY B 80 7.78 -5.17 -4.74
C GLY B 80 9.09 -5.29 -3.98
N SER B 81 9.27 -6.36 -3.21
CA SER B 81 10.42 -6.56 -2.30
C SER B 81 11.59 -7.23 -3.02
N VAL B 82 11.37 -7.81 -4.19
CA VAL B 82 12.37 -8.68 -4.87
C VAL B 82 13.64 -7.88 -5.22
N PRO B 83 13.50 -6.67 -5.82
CA PRO B 83 14.67 -5.86 -6.15
C PRO B 83 15.44 -5.44 -4.89
N HIS B 84 14.72 -5.01 -3.84
CA HIS B 84 15.29 -4.64 -2.52
C HIS B 84 16.18 -5.78 -2.01
N VAL B 85 15.62 -6.98 -1.96
CA VAL B 85 16.26 -8.19 -1.40
C VAL B 85 17.43 -8.59 -2.31
N ASN B 86 17.30 -8.46 -3.62
CA ASN B 86 18.37 -8.90 -4.54
C ASN B 86 19.59 -8.00 -4.30
N ARG B 87 19.36 -6.80 -3.79
CA ARG B 87 20.40 -5.76 -3.62
C ARG B 87 20.95 -5.79 -2.18
N ASN B 88 20.05 -5.63 -1.21
CA ASN B 88 20.35 -5.35 0.22
C ASN B 88 20.40 -6.62 1.07
N GLY B 89 19.91 -7.75 0.55
CA GLY B 89 19.68 -8.98 1.33
C GLY B 89 18.48 -8.83 2.28
N PHE B 90 18.40 -9.68 3.32
CA PHE B 90 17.32 -9.62 4.33
C PHE B 90 17.79 -8.74 5.48
N ASN B 91 17.76 -7.43 5.27
CA ASN B 91 18.40 -6.42 6.16
C ASN B 91 17.37 -5.89 7.16
N ARG B 92 17.79 -4.91 7.97
CA ARG B 92 17.06 -4.36 9.12
C ARG B 92 15.74 -3.73 8.64
N SER B 93 15.78 -2.95 7.55
CA SER B 93 14.59 -2.23 7.03
C SER B 93 13.58 -3.28 6.57
N TYR B 94 14.04 -4.34 5.89
CA TYR B 94 13.19 -5.47 5.44
C TYR B 94 12.60 -6.21 6.64
N ALA B 95 13.43 -6.47 7.67
CA ALA B 95 13.05 -7.18 8.90
C ALA B 95 11.89 -6.43 9.58
N GLY B 96 11.81 -5.11 9.44
CA GLY B 96 10.72 -4.27 9.97
C GLY B 96 9.36 -4.71 9.44
N LYS B 97 9.33 -5.26 8.22
CA LYS B 97 8.11 -5.65 7.47
C LYS B 97 7.68 -7.09 7.82
N ASN B 98 8.51 -7.88 8.50
CA ASN B 98 8.20 -9.28 8.89
C ASN B 98 7.34 -9.31 10.17
N ALA B 99 6.89 -10.50 10.56
CA ALA B 99 6.23 -10.78 11.84
C ALA B 99 7.20 -10.50 13.00
N VAL B 100 6.70 -10.46 14.23
CA VAL B 100 7.53 -10.25 15.45
C VAL B 100 7.30 -11.37 16.48
N ALA B 101 6.33 -12.26 16.28
CA ALA B 101 5.83 -13.21 17.30
C ALA B 101 6.97 -14.05 17.89
N TYR B 102 8.04 -14.33 17.14
CA TYR B 102 9.22 -15.13 17.57
C TYR B 102 10.51 -14.29 17.57
N GLY B 103 10.39 -12.96 17.47
CA GLY B 103 11.52 -12.03 17.48
C GLY B 103 11.53 -11.08 16.29
N LYS B 104 12.37 -10.04 16.39
CA LYS B 104 12.57 -8.97 15.36
C LYS B 104 13.69 -9.42 14.40
N GLY B 105 13.28 -9.97 13.26
CA GLY B 105 14.20 -10.32 12.17
C GLY B 105 13.43 -10.79 10.95
N THR B 106 14.12 -11.47 10.03
CA THR B 106 13.50 -12.07 8.82
C THR B 106 13.19 -13.55 9.08
N TYR B 107 11.99 -13.97 8.69
CA TYR B 107 11.38 -15.31 8.93
C TYR B 107 11.63 -16.20 7.72
N PHE B 108 12.04 -17.45 7.97
CA PHE B 108 12.33 -18.47 6.93
C PHE B 108 11.62 -19.77 7.33
N ALA B 109 10.83 -20.37 6.42
CA ALA B 109 10.11 -21.65 6.64
C ALA B 109 11.00 -22.83 6.21
N VAL B 110 10.85 -23.96 6.88
CA VAL B 110 11.52 -25.26 6.55
C VAL B 110 10.85 -25.81 5.28
N ASN B 111 9.53 -25.63 5.17
CA ASN B 111 8.68 -26.19 4.07
C ASN B 111 8.15 -25.06 3.20
N ALA B 112 8.32 -25.19 1.89
CA ALA B 112 7.91 -24.19 0.88
C ALA B 112 6.43 -23.81 1.03
N ASN B 113 5.54 -24.73 1.41
CA ASN B 113 4.08 -24.47 1.40
C ASN B 113 3.71 -23.51 2.53
N TYR B 114 4.58 -23.30 3.52
CA TYR B 114 4.40 -22.26 4.56
C TYR B 114 4.58 -20.89 3.89
N SER B 115 5.72 -20.74 3.20
CA SER B 115 6.13 -19.52 2.46
C SER B 115 5.14 -19.22 1.33
N ALA B 116 4.58 -20.28 0.71
CA ALA B 116 3.69 -20.18 -0.47
C ALA B 116 2.30 -19.67 -0.06
N ASN B 117 2.02 -19.51 1.23
CA ASN B 117 0.77 -18.87 1.71
C ASN B 117 0.67 -17.48 1.08
N ASP B 118 -0.53 -17.04 0.73
CA ASP B 118 -0.76 -15.74 0.02
C ASP B 118 -0.43 -14.55 0.94
N THR B 119 -0.43 -14.74 2.27
CA THR B 119 -0.05 -13.71 3.27
C THR B 119 1.41 -13.27 3.04
N TYR B 120 2.28 -14.20 2.63
CA TYR B 120 3.75 -13.99 2.54
C TYR B 120 4.13 -13.71 1.09
N SER B 121 3.97 -14.72 0.22
CA SER B 121 4.17 -14.59 -1.24
C SER B 121 2.86 -14.08 -1.86
N ARG B 122 2.51 -12.81 -1.63
CA ARG B 122 1.27 -12.17 -2.13
C ARG B 122 1.30 -12.25 -3.66
N PRO B 123 0.20 -12.72 -4.33
CA PRO B 123 0.16 -12.75 -5.79
C PRO B 123 0.15 -11.34 -6.40
N ASP B 124 1.04 -11.10 -7.38
CA ASP B 124 1.20 -9.78 -8.04
C ASP B 124 0.01 -9.58 -8.98
N ALA B 125 -0.01 -8.50 -9.77
CA ALA B 125 -1.14 -8.13 -10.66
C ALA B 125 -1.43 -9.24 -11.67
N ASN B 126 -0.41 -10.03 -12.07
CA ASN B 126 -0.52 -11.17 -13.02
C ASN B 126 -0.90 -12.48 -12.31
N GLY B 127 -1.03 -12.47 -10.98
CA GLY B 127 -1.23 -13.68 -10.16
C GLY B 127 0.04 -14.50 -9.95
N ARG B 128 1.23 -13.92 -10.22
CA ARG B 128 2.53 -14.60 -9.98
C ARG B 128 2.87 -14.51 -8.48
N LYS B 129 3.47 -15.57 -7.94
CA LYS B 129 3.92 -15.66 -6.53
C LYS B 129 5.44 -15.86 -6.50
N HIS B 130 6.08 -15.26 -5.49
CA HIS B 130 7.56 -15.16 -5.35
C HIS B 130 7.98 -15.75 -4.00
N VAL B 131 8.91 -16.70 -4.06
CA VAL B 131 9.44 -17.42 -2.87
C VAL B 131 10.92 -17.66 -3.11
N TYR B 132 11.75 -17.30 -2.15
CA TYR B 132 13.23 -17.48 -2.20
C TYR B 132 13.58 -18.82 -1.56
N TYR B 133 14.58 -19.49 -2.14
CA TYR B 133 15.27 -20.66 -1.52
C TYR B 133 16.63 -20.12 -1.04
N VAL B 134 16.68 -19.81 0.25
CA VAL B 134 17.70 -18.99 0.97
C VAL B 134 18.68 -19.92 1.69
N ARG B 135 19.98 -19.67 1.57
CA ARG B 135 20.99 -20.20 2.52
C ARG B 135 20.90 -19.38 3.81
N VAL B 136 20.50 -19.98 4.93
CA VAL B 136 20.42 -19.31 6.25
C VAL B 136 21.41 -19.97 7.20
N LEU B 137 22.23 -19.20 7.92
CA LEU B 137 23.16 -19.72 8.97
C LEU B 137 22.38 -19.74 10.29
N THR B 138 21.63 -20.82 10.51
CA THR B 138 20.78 -21.08 11.70
C THR B 138 21.69 -21.31 12.91
N GLY B 139 22.87 -21.91 12.66
CA GLY B 139 23.89 -22.24 13.70
C GLY B 139 23.27 -22.93 14.89
N ILE B 140 23.52 -22.40 16.11
CA ILE B 140 22.94 -22.88 17.40
C ILE B 140 21.75 -21.98 17.74
N TYR B 141 20.55 -22.53 17.95
CA TYR B 141 19.30 -21.76 18.09
C TYR B 141 18.51 -22.18 19.34
N THR B 142 17.52 -21.37 19.74
CA THR B 142 16.66 -21.56 20.93
C THR B 142 15.24 -21.12 20.58
N HIS B 143 14.25 -21.35 21.46
CA HIS B 143 12.85 -20.87 21.26
C HIS B 143 12.89 -19.35 21.23
N GLY B 144 12.30 -18.73 20.20
CA GLY B 144 12.12 -17.27 20.08
C GLY B 144 10.86 -16.82 20.80
N ASN B 145 10.73 -15.51 21.03
CA ASN B 145 9.49 -14.86 21.55
C ASN B 145 9.50 -13.37 21.15
N HIS B 146 8.38 -12.66 21.39
CA HIS B 146 8.12 -11.32 20.82
C HIS B 146 9.09 -10.28 21.38
N SER B 147 9.64 -10.47 22.57
CA SER B 147 10.53 -9.49 23.24
C SER B 147 11.93 -9.44 22.59
N LEU B 148 12.38 -10.51 21.92
CA LEU B 148 13.79 -10.65 21.45
C LEU B 148 13.98 -9.73 20.26
N ILE B 149 14.56 -8.54 20.49
CA ILE B 149 14.84 -7.54 19.43
C ILE B 149 16.33 -7.60 19.07
N VAL B 150 17.04 -8.54 19.66
CA VAL B 150 18.42 -8.98 19.26
C VAL B 150 18.57 -10.46 19.62
N PRO B 151 19.61 -11.15 19.13
CA PRO B 151 19.82 -12.56 19.46
C PRO B 151 20.01 -12.73 20.97
N PRO B 152 19.26 -13.63 21.65
CA PRO B 152 19.41 -13.79 23.08
C PRO B 152 20.78 -14.42 23.41
N SER B 153 21.19 -14.15 24.64
CA SER B 153 22.38 -14.74 25.28
C SER B 153 21.98 -16.11 25.83
N LYS B 154 22.91 -17.07 25.80
CA LYS B 154 22.77 -18.37 26.51
C LYS B 154 22.61 -18.06 28.00
N ASN B 155 23.58 -17.30 28.53
CA ASN B 155 23.57 -16.75 29.91
C ASN B 155 23.11 -15.29 29.83
N PRO B 156 21.99 -14.88 30.47
CA PRO B 156 21.58 -13.47 30.49
C PRO B 156 22.59 -12.51 31.13
N GLN B 157 23.49 -13.01 31.99
CA GLN B 157 24.56 -12.22 32.64
C GLN B 157 25.86 -12.26 31.84
N ASN B 158 25.87 -12.85 30.64
CA ASN B 158 27.05 -12.90 29.73
C ASN B 158 26.60 -12.73 28.27
N PRO B 159 26.66 -11.49 27.73
CA PRO B 159 26.21 -11.25 26.36
C PRO B 159 27.30 -11.51 25.31
N THR B 160 28.42 -12.15 25.67
CA THR B 160 29.48 -12.59 24.71
C THR B 160 29.15 -13.99 24.14
N ASP B 161 28.23 -14.72 24.77
CA ASP B 161 27.72 -16.05 24.35
C ASP B 161 26.29 -15.90 23.82
N LEU B 162 26.13 -15.73 22.50
CA LEU B 162 24.81 -15.46 21.84
C LEU B 162 24.41 -16.66 20.99
N TYR B 163 23.12 -16.96 20.97
CA TYR B 163 22.51 -17.87 19.97
C TYR B 163 22.69 -17.23 18.58
N ASP B 164 22.75 -18.03 17.53
CA ASP B 164 22.82 -17.54 16.13
C ASP B 164 21.41 -17.15 15.64
N THR B 165 20.40 -18.00 15.80
CA THR B 165 19.00 -17.71 15.35
C THR B 165 18.02 -18.14 16.44
N VAL B 166 16.73 -17.95 16.21
CA VAL B 166 15.69 -18.56 17.08
C VAL B 166 14.70 -19.31 16.17
N THR B 167 13.86 -20.16 16.76
CA THR B 167 12.85 -20.99 16.04
C THR B 167 11.57 -21.05 16.89
N ASP B 168 10.54 -21.72 16.39
CA ASP B 168 9.22 -21.89 17.06
C ASP B 168 9.27 -23.14 17.96
N ASN B 169 10.19 -24.07 17.66
CA ASN B 169 10.32 -25.39 18.33
C ASN B 169 11.71 -25.97 18.02
N VAL B 170 12.53 -26.18 19.05
CA VAL B 170 13.99 -26.41 18.91
C VAL B 170 14.23 -27.78 18.27
N HIS B 171 13.41 -28.78 18.62
CA HIS B 171 13.65 -30.20 18.27
C HIS B 171 12.78 -30.58 17.06
N HIS B 172 11.68 -29.88 16.81
CA HIS B 172 10.81 -30.06 15.61
C HIS B 172 10.52 -28.69 14.98
N PRO B 173 11.53 -28.04 14.36
CA PRO B 173 11.38 -26.67 13.86
C PRO B 173 10.60 -26.56 12.55
N SER B 174 9.73 -25.55 12.45
N SER B 174 9.73 -25.55 12.44
CA SER B 174 8.95 -25.18 11.22
CA SER B 174 8.95 -25.19 11.22
C SER B 174 9.49 -23.91 10.58
C SER B 174 9.50 -23.91 10.57
N LEU B 175 10.14 -23.03 11.35
CA LEU B 175 10.66 -21.71 10.88
C LEU B 175 11.89 -21.27 11.68
N PHE B 176 12.60 -20.27 11.16
CA PHE B 176 13.80 -19.66 11.76
C PHE B 176 13.75 -18.14 11.55
N VAL B 177 14.12 -17.38 12.58
CA VAL B 177 14.34 -15.91 12.50
C VAL B 177 15.85 -15.65 12.48
N ALA B 178 16.31 -14.94 11.44
CA ALA B 178 17.69 -14.37 11.36
C ALA B 178 17.56 -12.87 11.62
N PHE B 179 18.52 -12.32 12.35
CA PHE B 179 18.48 -10.94 12.89
C PHE B 179 19.19 -9.98 11.92
N TYR B 180 20.28 -10.44 11.28
CA TYR B 180 21.21 -9.57 10.52
C TYR B 180 21.30 -10.06 9.07
N ASP B 181 21.67 -9.16 8.17
CA ASP B 181 21.72 -9.42 6.71
C ASP B 181 22.83 -10.42 6.37
N TYR B 182 23.91 -10.53 7.17
CA TYR B 182 25.09 -11.36 6.82
C TYR B 182 24.78 -12.84 7.13
N GLN B 183 23.61 -13.13 7.72
CA GLN B 183 23.21 -14.48 8.19
C GLN B 183 22.43 -15.25 7.11
N ALA B 184 22.01 -14.63 6.01
CA ALA B 184 21.13 -15.25 5.00
C ALA B 184 21.48 -14.71 3.62
N TYR B 185 21.59 -15.59 2.62
CA TYR B 185 21.87 -15.23 1.21
C TYR B 185 20.73 -15.69 0.33
N PRO B 186 20.06 -14.78 -0.42
CA PRO B 186 18.88 -15.14 -1.20
C PRO B 186 19.29 -15.77 -2.55
N GLU B 187 19.72 -17.04 -2.52
CA GLU B 187 20.47 -17.70 -3.61
C GLU B 187 19.59 -17.89 -4.85
N TYR B 188 18.34 -18.31 -4.67
CA TYR B 188 17.40 -18.68 -5.77
C TYR B 188 16.05 -18.00 -5.49
N LEU B 189 15.46 -17.47 -6.57
CA LEU B 189 14.09 -16.92 -6.56
C LEU B 189 13.22 -17.77 -7.48
N ILE B 190 12.15 -18.33 -6.91
CA ILE B 190 11.16 -19.18 -7.60
C ILE B 190 9.93 -18.32 -7.88
N THR B 191 9.64 -18.11 -9.15
CA THR B 191 8.38 -17.50 -9.63
C THR B 191 7.45 -18.63 -10.05
N PHE B 192 6.20 -18.60 -9.59
CA PHE B 192 5.24 -19.73 -9.74
C PHE B 192 3.81 -19.19 -9.62
N ARG B 193 2.81 -19.96 -10.07
CA ARG B 193 1.36 -19.58 -10.03
C ARG B 193 0.53 -20.82 -9.67
N LYS B 194 -0.69 -20.60 -9.18
CA LYS B 194 -1.66 -21.66 -8.76
C LYS B 194 -2.00 -22.58 -9.94
N GLN C 8 17.89 -13.98 -21.49
CA GLN C 8 18.12 -12.51 -21.43
C GLN C 8 18.47 -12.13 -19.99
N ASN C 9 19.62 -12.65 -19.55
CA ASN C 9 20.22 -12.43 -18.21
C ASN C 9 20.86 -11.04 -18.16
N PHE C 10 20.90 -10.44 -16.98
CA PHE C 10 21.31 -9.02 -16.80
C PHE C 10 22.09 -8.84 -15.51
N CYS C 11 22.99 -7.87 -15.51
CA CYS C 11 23.70 -7.33 -14.32
C CYS C 11 23.21 -5.90 -14.07
N VAL C 12 23.30 -5.45 -12.84
CA VAL C 12 22.92 -4.08 -12.42
C VAL C 12 24.16 -3.47 -11.78
N VAL C 13 24.62 -2.32 -12.30
CA VAL C 13 25.86 -1.63 -11.81
C VAL C 13 25.42 -0.25 -11.32
N GLU C 14 25.54 0.00 -10.01
CA GLU C 14 25.29 1.34 -9.39
C GLU C 14 26.36 2.29 -9.93
N LEU C 15 25.93 3.45 -10.41
CA LEU C 15 26.80 4.57 -10.85
C LEU C 15 27.17 5.38 -9.61
N LEU C 16 28.44 5.77 -9.48
CA LEU C 16 28.96 6.59 -8.36
C LEU C 16 28.52 8.04 -8.56
N PRO C 17 27.94 8.71 -7.54
CA PRO C 17 27.69 10.16 -7.62
C PRO C 17 28.99 10.93 -7.94
N SER C 18 28.89 11.90 -8.86
CA SER C 18 30.02 12.71 -9.37
C SER C 18 30.79 11.99 -10.49
N ASP C 19 30.40 10.76 -10.86
CA ASP C 19 30.97 10.06 -12.04
C ASP C 19 30.33 10.60 -13.34
N PRO C 20 31.14 10.85 -14.39
CA PRO C 20 30.63 11.53 -15.58
C PRO C 20 29.21 11.11 -15.98
N GLU C 21 29.00 9.79 -16.11
CA GLU C 21 27.71 9.18 -16.52
C GLU C 21 26.61 9.58 -15.52
N TYR C 22 26.90 9.59 -14.22
CA TYR C 22 25.92 9.93 -13.15
C TYR C 22 25.40 11.35 -13.42
N ASN C 23 26.34 12.27 -13.65
CA ASN C 23 26.08 13.73 -13.81
C ASN C 23 25.17 13.92 -15.03
N THR C 24 25.56 13.35 -16.17
CA THR C 24 24.82 13.36 -17.46
C THR C 24 23.35 12.99 -17.24
N VAL C 25 23.11 11.88 -16.54
CA VAL C 25 21.77 11.28 -16.33
C VAL C 25 20.99 12.13 -15.34
N ALA C 26 21.62 12.53 -14.24
CA ALA C 26 20.99 13.35 -13.18
C ALA C 26 20.60 14.69 -13.79
N SER C 27 21.52 15.30 -14.55
CA SER C 27 21.30 16.59 -15.26
CA SER C 27 21.29 16.59 -15.26
C SER C 27 19.96 16.55 -16.00
N LYS C 28 19.77 15.54 -16.85
CA LYS C 28 18.56 15.40 -17.69
C LYS C 28 17.33 15.12 -16.80
N PHE C 29 17.50 14.30 -15.75
CA PHE C 29 16.42 14.00 -14.76
C PHE C 29 15.99 15.30 -14.06
N ASN C 30 16.98 16.12 -13.70
CA ASN C 30 16.80 17.33 -12.87
C ASN C 30 16.28 18.51 -13.69
N GLN C 31 16.22 18.42 -15.02
CA GLN C 31 15.61 19.48 -15.85
C GLN C 31 14.17 19.73 -15.40
N THR C 32 13.45 18.71 -14.92
CA THR C 32 12.06 18.86 -14.41
C THR C 32 11.87 18.22 -13.04
N CYS C 33 12.91 17.60 -12.45
CA CYS C 33 12.79 16.81 -11.19
C CYS C 33 13.88 17.18 -10.17
N SER C 34 14.43 18.39 -10.23
CA SER C 34 15.44 18.89 -9.26
C SER C 34 14.85 18.94 -7.84
N HIS C 35 13.52 19.02 -7.70
CA HIS C 35 12.79 19.09 -6.40
C HIS C 35 12.59 17.70 -5.78
N PHE C 36 13.17 16.66 -6.39
CA PHE C 36 13.21 15.27 -5.86
C PHE C 36 14.63 14.97 -5.41
N ARG C 37 14.78 14.03 -4.46
CA ARG C 37 16.08 13.58 -3.90
C ARG C 37 16.46 12.28 -4.59
N ILE C 38 17.55 12.28 -5.36
CA ILE C 38 18.10 11.07 -6.03
C ILE C 38 18.78 10.20 -4.98
N GLU C 39 18.33 8.95 -4.85
CA GLU C 39 18.82 7.94 -3.89
C GLU C 39 19.93 7.12 -4.53
N LYS C 40 19.74 6.67 -5.78
CA LYS C 40 20.86 6.21 -6.63
C LYS C 40 20.43 6.05 -8.09
N ILE C 41 21.43 5.83 -8.93
CA ILE C 41 21.31 5.60 -10.39
C ILE C 41 22.13 4.34 -10.71
N GLU C 42 21.47 3.37 -11.34
CA GLU C 42 22.05 2.07 -11.76
C GLU C 42 22.02 2.01 -13.29
N ARG C 43 23.08 1.48 -13.89
CA ARG C 43 23.11 1.02 -15.30
C ARG C 43 22.64 -0.44 -15.36
N ILE C 44 21.60 -0.75 -16.16
CA ILE C 44 21.16 -2.13 -16.49
C ILE C 44 22.00 -2.66 -17.65
N GLN C 45 22.57 -3.86 -17.53
CA GLN C 45 23.43 -4.46 -18.57
C GLN C 45 22.86 -5.83 -18.96
N ASN C 46 22.03 -5.86 -20.02
CA ASN C 46 21.36 -7.06 -20.56
C ASN C 46 21.86 -7.28 -21.99
N PRO C 47 23.02 -7.95 -22.21
CA PRO C 47 23.64 -8.00 -23.54
C PRO C 47 22.73 -8.50 -24.69
N ASP C 48 21.84 -9.47 -24.40
CA ASP C 48 20.86 -9.98 -25.40
C ASP C 48 19.93 -8.82 -25.80
N LEU C 49 19.25 -8.21 -24.83
CA LEU C 49 18.28 -7.09 -25.04
C LEU C 49 18.97 -5.94 -25.80
N TRP C 50 20.24 -5.66 -25.46
CA TRP C 50 21.08 -4.64 -26.14
C TRP C 50 21.27 -5.00 -27.63
N ASN C 51 21.63 -6.25 -27.95
CA ASN C 51 21.97 -6.66 -29.34
C ASN C 51 20.69 -6.63 -30.19
N SER C 52 19.56 -7.08 -29.66
CA SER C 52 18.22 -6.96 -30.31
C SER C 52 17.92 -5.49 -30.64
N TYR C 53 18.11 -4.58 -29.68
CA TYR C 53 17.92 -3.11 -29.83
C TYR C 53 18.86 -2.54 -30.89
N GLN C 54 20.17 -2.82 -30.83
CA GLN C 54 21.17 -2.30 -31.81
C GLN C 54 20.82 -2.78 -33.23
N ALA C 55 20.39 -4.04 -33.38
CA ALA C 55 20.01 -4.66 -34.68
C ALA C 55 18.78 -3.93 -35.24
N LYS C 56 17.79 -3.66 -34.41
CA LYS C 56 16.56 -2.92 -34.79
C LYS C 56 16.95 -1.47 -35.12
N LYS C 57 17.93 -0.92 -34.40
CA LYS C 57 18.41 0.47 -34.69
C LYS C 57 19.09 0.50 -36.06
N LYS C 58 19.91 -0.51 -36.39
CA LYS C 58 20.65 -0.56 -37.66
C LYS C 58 19.69 -0.48 -38.87
N THR C 59 18.56 -1.20 -38.82
CA THR C 59 17.58 -1.29 -39.93
C THR C 59 16.75 0.00 -40.01
N MET C 60 16.52 0.68 -38.89
CA MET C 60 15.87 2.02 -38.89
C MET C 60 16.76 3.04 -39.57
N ASP C 61 18.05 3.01 -39.26
CA ASP C 61 19.06 3.97 -39.78
C ASP C 61 19.20 3.79 -41.30
N ALA C 62 18.99 2.58 -41.83
CA ALA C 62 19.11 2.28 -43.27
C ALA C 62 17.84 2.73 -44.01
N LYS C 63 16.82 3.15 -43.28
CA LYS C 63 15.42 3.27 -43.77
C LYS C 63 14.90 4.71 -43.71
N ASN C 64 15.23 5.50 -42.69
CA ASN C 64 14.60 6.84 -42.47
C ASN C 64 15.55 7.99 -42.85
N GLY C 65 16.57 7.71 -43.66
CA GLY C 65 17.50 8.72 -44.18
C GLY C 65 18.15 9.55 -43.09
N GLN C 66 17.79 10.84 -42.99
CA GLN C 66 18.44 11.84 -42.11
C GLN C 66 17.84 11.80 -40.70
N THR C 67 16.64 11.24 -40.54
CA THR C 67 15.94 11.21 -39.22
C THR C 67 16.90 10.70 -38.14
N MET C 68 16.92 11.37 -36.98
CA MET C 68 17.60 10.86 -35.74
C MET C 68 16.60 9.92 -35.05
N ASN C 69 16.80 8.63 -35.17
CA ASN C 69 15.79 7.59 -34.83
C ASN C 69 15.73 7.38 -33.32
N GLU C 70 16.87 7.59 -32.65
CA GLU C 70 17.06 7.37 -31.19
C GLU C 70 16.73 8.64 -30.42
N LYS C 71 15.86 8.52 -29.42
CA LYS C 71 15.66 9.52 -28.35
C LYS C 71 15.96 8.84 -27.01
N GLN C 72 16.20 9.63 -25.95
CA GLN C 72 16.34 9.13 -24.57
C GLN C 72 15.17 9.71 -23.78
N LEU C 73 14.32 8.86 -23.23
CA LEU C 73 13.02 9.24 -22.61
C LEU C 73 12.88 8.52 -21.28
N PHE C 74 11.90 8.93 -20.48
CA PHE C 74 11.70 8.47 -19.08
C PHE C 74 10.53 7.51 -19.05
N HIS C 75 10.61 6.48 -18.21
CA HIS C 75 9.50 5.53 -17.96
C HIS C 75 9.43 5.24 -16.46
N GLY C 76 8.41 5.80 -15.80
CA GLY C 76 8.05 5.47 -14.42
C GLY C 76 7.38 4.11 -14.35
N THR C 77 7.58 3.37 -13.28
CA THR C 77 6.99 2.02 -13.06
C THR C 77 7.07 1.67 -11.57
N ASP C 78 6.32 0.65 -11.14
CA ASP C 78 6.34 0.12 -9.75
C ASP C 78 7.59 -0.74 -9.55
N ALA C 79 8.08 -0.86 -8.31
CA ALA C 79 9.26 -1.67 -7.96
C ALA C 79 9.07 -3.10 -8.49
N GLY C 80 7.84 -3.61 -8.38
CA GLY C 80 7.43 -4.95 -8.83
C GLY C 80 7.83 -5.25 -10.27
N SER C 81 7.83 -4.24 -11.13
CA SER C 81 8.02 -4.40 -12.60
C SER C 81 9.51 -4.32 -12.96
N VAL C 82 10.37 -3.88 -12.04
CA VAL C 82 11.80 -3.55 -12.35
C VAL C 82 12.53 -4.79 -12.83
N PRO C 83 12.38 -5.95 -12.14
CA PRO C 83 13.07 -7.17 -12.58
C PRO C 83 12.58 -7.63 -13.96
N HIS C 84 11.27 -7.60 -14.20
CA HIS C 84 10.64 -7.95 -15.49
C HIS C 84 11.30 -7.13 -16.61
N VAL C 85 11.33 -5.82 -16.41
CA VAL C 85 11.84 -4.84 -17.42
C VAL C 85 13.36 -5.05 -17.58
N ASN C 86 14.09 -5.34 -16.51
CA ASN C 86 15.56 -5.46 -16.60
C ASN C 86 15.88 -6.67 -17.49
N ARG C 87 14.94 -7.62 -17.55
CA ARG C 87 15.15 -8.92 -18.21
C ARG C 87 14.59 -8.86 -19.64
N ASN C 88 13.29 -8.54 -19.75
CA ASN C 88 12.47 -8.72 -20.97
C ASN C 88 12.43 -7.44 -21.81
N GLY C 89 12.84 -6.30 -21.25
CA GLY C 89 12.57 -4.98 -21.83
C GLY C 89 11.11 -4.59 -21.68
N PHE C 90 10.67 -3.63 -22.48
CA PHE C 90 9.28 -3.12 -22.53
C PHE C 90 8.57 -3.93 -23.62
N ASN C 91 8.20 -5.17 -23.29
CA ASN C 91 7.68 -6.17 -24.25
C ASN C 91 6.15 -6.14 -24.25
N ARG C 92 5.53 -7.05 -25.00
CA ARG C 92 4.08 -7.09 -25.26
C ARG C 92 3.32 -7.36 -23.96
N SER C 93 3.81 -8.26 -23.10
CA SER C 93 3.12 -8.60 -21.83
C SER C 93 3.13 -7.36 -20.92
N TYR C 94 4.25 -6.64 -20.88
CA TYR C 94 4.41 -5.37 -20.10
C TYR C 94 3.47 -4.29 -20.68
N ALA C 95 3.40 -4.18 -22.01
CA ALA C 95 2.54 -3.24 -22.74
C ALA C 95 1.08 -3.40 -22.32
N GLY C 96 0.66 -4.62 -21.96
CA GLY C 96 -0.69 -4.91 -21.44
C GLY C 96 -1.02 -4.08 -20.20
N LYS C 97 0.00 -3.74 -19.41
CA LYS C 97 -0.13 -3.01 -18.11
C LYS C 97 -0.16 -1.48 -18.31
N ASN C 98 0.18 -0.96 -19.51
CA ASN C 98 0.23 0.50 -19.79
C ASN C 98 -1.18 1.03 -20.11
N ALA C 99 -1.34 2.34 -20.17
CA ALA C 99 -2.55 3.05 -20.66
C ALA C 99 -2.71 2.80 -22.16
N VAL C 100 -3.86 3.19 -22.73
CA VAL C 100 -4.25 2.80 -24.13
C VAL C 100 -4.66 4.02 -24.96
N ALA C 101 -4.80 5.20 -24.39
CA ALA C 101 -5.46 6.37 -25.06
C ALA C 101 -4.81 6.69 -26.41
N TYR C 102 -3.52 6.40 -26.58
CA TYR C 102 -2.74 6.68 -27.82
C TYR C 102 -2.22 5.39 -28.46
N GLY C 103 -2.74 4.23 -28.04
CA GLY C 103 -2.41 2.90 -28.59
C GLY C 103 -2.03 1.91 -27.51
N LYS C 104 -2.03 0.60 -27.82
CA LYS C 104 -1.65 -0.50 -26.89
C LYS C 104 -0.17 -0.82 -27.13
N GLY C 105 0.70 -0.17 -26.37
CA GLY C 105 2.17 -0.34 -26.36
C GLY C 105 2.74 0.23 -25.07
N THR C 106 4.05 0.44 -24.98
CA THR C 106 4.71 1.04 -23.79
C THR C 106 4.91 2.54 -24.00
N TYR C 107 4.57 3.32 -22.97
CA TYR C 107 4.55 4.80 -22.94
C TYR C 107 5.88 5.32 -22.38
N PHE C 108 6.45 6.32 -23.03
CA PHE C 108 7.71 7.00 -22.64
C PHE C 108 7.46 8.52 -22.65
N ALA C 109 7.81 9.23 -21.58
CA ALA C 109 7.69 10.70 -21.47
C ALA C 109 8.98 11.36 -21.95
N VAL C 110 8.86 12.54 -22.55
CA VAL C 110 9.99 13.42 -22.96
C VAL C 110 10.62 13.99 -21.70
N ASN C 111 9.79 14.34 -20.71
CA ASN C 111 10.19 15.01 -19.47
C ASN C 111 9.98 14.07 -18.28
N ALA C 112 11.01 13.94 -17.44
CA ALA C 112 11.04 13.07 -16.26
C ALA C 112 9.84 13.35 -15.34
N ASN C 113 9.37 14.59 -15.22
CA ASN C 113 8.33 14.94 -14.21
C ASN C 113 6.98 14.36 -14.61
N TYR C 114 6.80 13.95 -15.87
CA TYR C 114 5.60 13.21 -16.31
C TYR C 114 5.67 11.80 -15.71
N SER C 115 6.80 11.12 -15.93
CA SER C 115 7.12 9.76 -15.44
C SER C 115 7.12 9.72 -13.91
N ALA C 116 7.53 10.82 -13.26
CA ALA C 116 7.70 10.92 -11.80
C ALA C 116 6.34 11.01 -11.10
N ASN C 117 5.24 11.15 -11.85
CA ASN C 117 3.88 11.09 -11.26
C ASN C 117 3.73 9.74 -10.52
N ASP C 118 3.01 9.73 -9.40
CA ASP C 118 2.85 8.51 -8.53
C ASP C 118 2.04 7.43 -9.26
N THR C 119 1.23 7.82 -10.26
CA THR C 119 0.42 6.88 -11.10
C THR C 119 1.35 5.91 -11.84
N TYR C 120 2.55 6.36 -12.23
CA TYR C 120 3.50 5.61 -13.09
C TYR C 120 4.58 5.02 -12.20
N SER C 121 5.42 5.88 -11.62
CA SER C 121 6.48 5.48 -10.66
C SER C 121 5.87 5.42 -9.27
N ARG C 122 5.05 4.41 -9.02
CA ARG C 122 4.35 4.20 -7.73
C ARG C 122 5.41 4.05 -6.64
N PRO C 123 5.31 4.77 -5.51
CA PRO C 123 6.25 4.63 -4.39
C PRO C 123 6.15 3.25 -3.73
N ASP C 124 7.29 2.56 -3.56
CA ASP C 124 7.38 1.21 -2.95
C ASP C 124 7.13 1.35 -1.44
N ALA C 125 7.24 0.27 -0.67
CA ALA C 125 6.90 0.22 0.77
C ALA C 125 7.75 1.23 1.55
N ASN C 126 8.98 1.52 1.08
CA ASN C 126 9.96 2.45 1.69
C ASN C 126 9.76 3.89 1.19
N GLY C 127 8.80 4.13 0.29
CA GLY C 127 8.52 5.44 -0.34
C GLY C 127 9.49 5.77 -1.48
N ARG C 128 10.25 4.78 -1.99
CA ARG C 128 11.18 4.96 -3.12
C ARG C 128 10.40 4.92 -4.44
N LYS C 129 10.80 5.76 -5.41
CA LYS C 129 10.20 5.85 -6.76
C LYS C 129 11.25 5.46 -7.81
N HIS C 130 10.79 4.79 -8.86
CA HIS C 130 11.61 4.14 -9.92
C HIS C 130 11.22 4.70 -11.29
N VAL C 131 12.19 5.23 -12.01
CA VAL C 131 12.00 5.83 -13.35
C VAL C 131 13.22 5.46 -14.19
N TYR C 132 12.98 4.95 -15.39
CA TYR C 132 14.04 4.54 -16.33
C TYR C 132 14.35 5.71 -17.26
N TYR C 133 15.62 5.86 -17.61
CA TYR C 133 16.11 6.73 -18.70
C TYR C 133 16.46 5.78 -19.85
N VAL C 134 15.52 5.66 -20.79
CA VAL C 134 15.39 4.60 -21.83
C VAL C 134 15.89 5.15 -23.17
N ARG C 135 16.73 4.40 -23.88
CA ARG C 135 16.95 4.59 -25.33
C ARG C 135 15.73 4.03 -26.08
N VAL C 136 14.96 4.87 -26.75
CA VAL C 136 13.76 4.46 -27.54
C VAL C 136 14.01 4.80 -29.00
N LEU C 137 13.73 3.89 -29.93
CA LEU C 137 13.78 4.16 -31.40
C LEU C 137 12.42 4.71 -31.84
N THR C 138 12.24 6.03 -31.67
CA THR C 138 10.99 6.77 -32.01
C THR C 138 10.84 6.82 -33.52
N GLY C 139 11.98 6.84 -34.25
CA GLY C 139 12.06 6.97 -35.72
C GLY C 139 11.15 8.06 -36.25
N ILE C 140 10.31 7.71 -37.24
CA ILE C 140 9.30 8.62 -37.85
C ILE C 140 7.94 8.31 -37.21
N TYR C 141 7.26 9.29 -36.64
CA TYR C 141 6.05 9.06 -35.79
C TYR C 141 4.87 9.95 -36.22
N THR C 142 3.66 9.60 -35.78
CA THR C 142 2.38 10.25 -36.15
C THR C 142 1.49 10.32 -34.91
N HIS C 143 0.34 11.02 -34.96
CA HIS C 143 -0.63 11.09 -33.84
C HIS C 143 -1.17 9.67 -33.60
N GLY C 144 -1.12 9.18 -32.35
CA GLY C 144 -1.69 7.87 -31.96
C GLY C 144 -3.16 7.95 -31.61
N ASN C 145 -3.86 6.82 -31.44
CA ASN C 145 -5.27 6.74 -30.96
C ASN C 145 -5.55 5.35 -30.34
N HIS C 146 -6.70 5.20 -29.67
CA HIS C 146 -7.00 4.05 -28.78
C HIS C 146 -7.08 2.75 -29.56
N SER C 147 -7.42 2.78 -30.85
CA SER C 147 -7.66 1.57 -31.68
C SER C 147 -6.33 0.87 -32.06
N LEU C 148 -5.19 1.58 -32.04
CA LEU C 148 -3.90 1.06 -32.61
C LEU C 148 -3.35 -0.08 -31.77
N ILE C 149 -3.10 -1.25 -32.35
CA ILE C 149 -2.25 -2.30 -31.71
C ILE C 149 -0.89 -2.28 -32.41
N VAL C 150 -0.75 -1.52 -33.50
CA VAL C 150 0.56 -1.19 -34.14
C VAL C 150 0.42 0.17 -34.82
N PRO C 151 1.52 0.84 -35.20
CA PRO C 151 1.43 2.14 -35.86
C PRO C 151 0.77 2.00 -37.24
N PRO C 152 -0.03 2.98 -37.71
CA PRO C 152 -0.54 2.97 -39.08
C PRO C 152 0.57 3.03 -40.13
N SER C 153 0.23 2.80 -41.40
CA SER C 153 1.20 2.85 -42.51
C SER C 153 1.33 4.31 -42.98
N LYS C 154 2.57 4.69 -43.31
CA LYS C 154 2.92 5.98 -43.91
C LYS C 154 2.55 5.92 -45.39
N ASN C 155 2.63 4.73 -46.02
CA ASN C 155 2.73 4.56 -47.48
C ASN C 155 1.36 4.17 -48.04
N PRO C 156 0.71 5.00 -48.89
CA PRO C 156 -0.58 4.61 -49.46
C PRO C 156 -0.51 3.40 -50.42
N GLN C 157 0.68 3.09 -50.96
CA GLN C 157 0.93 1.92 -51.83
C GLN C 157 1.17 0.63 -51.02
N ASN C 158 1.36 0.72 -49.70
CA ASN C 158 2.00 -0.37 -48.91
C ASN C 158 1.58 -0.28 -47.45
N PRO C 159 0.53 -1.02 -47.01
CA PRO C 159 0.05 -0.92 -45.64
C PRO C 159 0.86 -1.75 -44.64
N THR C 160 1.95 -2.40 -45.08
CA THR C 160 2.95 -3.04 -44.19
C THR C 160 4.07 -2.04 -43.87
N ASP C 161 4.14 -0.88 -44.54
CA ASP C 161 5.21 0.15 -44.39
C ASP C 161 4.74 1.23 -43.41
N LEU C 162 5.19 1.11 -42.16
CA LEU C 162 4.56 1.66 -40.93
C LEU C 162 5.40 2.82 -40.37
N TYR C 163 4.73 3.75 -39.69
CA TYR C 163 5.35 4.66 -38.70
C TYR C 163 6.02 3.81 -37.61
N ASP C 164 7.09 4.33 -37.00
CA ASP C 164 7.91 3.58 -36.03
C ASP C 164 7.26 3.64 -34.64
N THR C 165 6.85 4.83 -34.22
CA THR C 165 6.10 5.03 -32.96
C THR C 165 4.92 5.95 -33.22
N VAL C 166 4.14 6.24 -32.20
CA VAL C 166 3.11 7.32 -32.25
C VAL C 166 3.37 8.24 -31.05
N THR C 167 2.76 9.43 -31.07
CA THR C 167 2.89 10.46 -30.00
C THR C 167 1.52 11.13 -29.82
N ASP C 168 1.44 12.05 -28.87
CA ASP C 168 0.20 12.81 -28.52
C ASP C 168 0.13 14.07 -29.39
N ASN C 169 1.27 14.52 -29.91
CA ASN C 169 1.43 15.78 -30.70
C ASN C 169 2.75 15.72 -31.47
N VAL C 170 2.69 15.76 -32.80
CA VAL C 170 3.82 15.39 -33.69
C VAL C 170 4.93 16.44 -33.59
N HIS C 171 4.56 17.72 -33.47
CA HIS C 171 5.52 18.86 -33.56
C HIS C 171 5.89 19.35 -32.16
N HIS C 172 5.04 19.09 -31.15
CA HIS C 172 5.33 19.41 -29.72
C HIS C 172 5.02 18.18 -28.85
N PRO C 173 5.82 17.09 -28.97
CA PRO C 173 5.52 15.84 -28.29
C PRO C 173 5.82 15.87 -26.79
N SER C 174 4.96 15.25 -25.98
N SER C 174 4.95 15.25 -25.99
CA SER C 174 5.13 15.03 -24.52
CA SER C 174 5.11 15.03 -24.52
C SER C 174 5.45 13.56 -24.23
C SER C 174 5.45 13.56 -24.23
N LEU C 175 5.02 12.63 -25.10
CA LEU C 175 5.18 11.16 -24.89
C LEU C 175 5.29 10.40 -26.22
N PHE C 176 5.72 9.14 -26.14
CA PHE C 176 5.87 8.20 -27.29
C PHE C 176 5.39 6.82 -26.88
N VAL C 177 4.63 6.16 -27.75
CA VAL C 177 4.24 4.72 -27.61
C VAL C 177 5.09 3.88 -28.56
N ALA C 178 5.81 2.88 -28.02
CA ALA C 178 6.54 1.84 -28.79
C ALA C 178 5.77 0.52 -28.66
N PHE C 179 5.71 -0.24 -29.77
CA PHE C 179 4.82 -1.41 -29.94
C PHE C 179 5.59 -2.72 -30.15
N TYR C 180 6.91 -2.69 -30.27
CA TYR C 180 7.72 -3.90 -30.54
C TYR C 180 8.74 -4.10 -29.40
N ASP C 181 9.08 -5.37 -29.18
CA ASP C 181 9.77 -5.85 -27.95
C ASP C 181 11.20 -5.26 -27.84
N TYR C 182 11.84 -4.91 -28.96
CA TYR C 182 13.28 -4.57 -29.01
C TYR C 182 13.49 -3.13 -29.50
N GLN C 183 12.45 -2.30 -29.33
CA GLN C 183 12.41 -0.87 -29.78
C GLN C 183 12.96 0.09 -28.71
N ALA C 184 13.19 -0.40 -27.49
CA ALA C 184 13.53 0.40 -26.30
C ALA C 184 14.47 -0.41 -25.40
N TYR C 185 15.55 0.19 -24.93
CA TYR C 185 16.53 -0.44 -24.02
C TYR C 185 16.56 0.34 -22.70
N PRO C 186 16.26 -0.30 -21.55
CA PRO C 186 16.17 0.41 -20.27
C PRO C 186 17.55 0.64 -19.64
N GLU C 187 18.30 1.60 -20.18
CA GLU C 187 19.77 1.75 -19.96
C GLU C 187 20.08 2.12 -18.51
N TYR C 188 19.30 3.03 -17.92
CA TYR C 188 19.54 3.59 -16.57
C TYR C 188 18.25 3.55 -15.77
N LEU C 189 18.37 3.16 -14.50
CA LEU C 189 17.27 3.19 -13.51
C LEU C 189 17.63 4.19 -12.42
N ILE C 190 16.75 5.17 -12.24
CA ILE C 190 16.89 6.26 -11.24
C ILE C 190 15.95 5.95 -10.10
N THR C 191 16.52 5.69 -8.92
CA THR C 191 15.79 5.51 -7.66
C THR C 191 15.87 6.84 -6.91
N PHE C 192 14.73 7.34 -6.44
CA PHE C 192 14.60 8.73 -5.89
C PHE C 192 13.38 8.78 -4.98
N ARG C 193 13.29 9.83 -4.13
CA ARG C 193 12.16 10.07 -3.20
C ARG C 193 11.86 11.57 -3.13
N LYS C 194 10.68 11.95 -2.64
CA LYS C 194 10.19 13.35 -2.53
C LYS C 194 11.10 14.19 -1.62
N GLN D 7 -22.09 20.34 16.36
CA GLN D 7 -21.22 19.18 16.65
C GLN D 7 -20.81 18.49 15.32
N GLN D 8 -21.65 18.58 14.28
CA GLN D 8 -21.46 17.97 12.94
C GLN D 8 -21.24 16.46 13.10
N ASN D 9 -22.14 15.83 13.85
CA ASN D 9 -22.26 14.37 14.03
C ASN D 9 -22.96 13.77 12.82
N PHE D 10 -22.68 12.52 12.48
CA PHE D 10 -23.12 11.89 11.23
C PHE D 10 -23.47 10.42 11.45
N CYS D 11 -24.39 9.92 10.64
CA CYS D 11 -24.72 8.48 10.47
C CYS D 11 -24.29 8.04 9.07
N VAL D 12 -24.06 6.75 8.91
CA VAL D 12 -23.67 6.14 7.60
C VAL D 12 -24.71 5.05 7.34
N VAL D 13 -25.41 5.11 6.21
CA VAL D 13 -26.50 4.15 5.85
C VAL D 13 -26.09 3.50 4.52
N GLU D 14 -25.90 2.18 4.51
CA GLU D 14 -25.62 1.38 3.29
C GLU D 14 -26.85 1.45 2.39
N LEU D 15 -26.65 1.78 1.12
CA LEU D 15 -27.66 1.70 0.03
C LEU D 15 -27.77 0.25 -0.43
N LEU D 16 -29.01 -0.23 -0.59
CA LEU D 16 -29.34 -1.56 -1.15
C LEU D 16 -29.14 -1.48 -2.67
N PRO D 17 -28.47 -2.46 -3.31
CA PRO D 17 -28.45 -2.53 -4.78
C PRO D 17 -29.83 -2.37 -5.45
N SER D 18 -30.94 -2.58 -4.73
CA SER D 18 -32.33 -2.47 -5.23
C SER D 18 -32.85 -1.03 -5.17
N ASP D 19 -32.07 -0.09 -4.63
CA ASP D 19 -32.57 1.25 -4.23
C ASP D 19 -32.40 2.19 -5.41
N PRO D 20 -33.45 2.94 -5.82
CA PRO D 20 -33.38 3.81 -6.99
C PRO D 20 -32.02 4.53 -7.09
N GLU D 21 -31.63 5.17 -5.97
CA GLU D 21 -30.38 5.94 -5.82
C GLU D 21 -29.17 5.10 -6.19
N TYR D 22 -29.12 3.81 -5.80
CA TYR D 22 -27.96 2.91 -6.04
C TYR D 22 -27.65 2.88 -7.54
N ASN D 23 -28.66 2.64 -8.37
CA ASN D 23 -28.50 2.46 -9.84
C ASN D 23 -27.89 3.74 -10.43
N THR D 24 -28.52 4.88 -10.12
CA THR D 24 -28.12 6.24 -10.56
C THR D 24 -26.63 6.48 -10.30
N VAL D 25 -26.18 6.18 -9.07
CA VAL D 25 -24.80 6.44 -8.57
C VAL D 25 -23.84 5.45 -9.23
N ALA D 26 -24.20 4.17 -9.29
CA ALA D 26 -23.34 3.11 -9.87
C ALA D 26 -23.19 3.39 -11.36
N SER D 27 -24.29 3.73 -12.03
CA SER D 27 -24.33 4.09 -13.47
C SER D 27 -23.23 5.10 -13.78
N LYS D 28 -23.22 6.21 -13.04
CA LYS D 28 -22.29 7.34 -13.26
C LYS D 28 -20.87 6.89 -12.91
N PHE D 29 -20.71 6.08 -11.85
CA PHE D 29 -19.39 5.50 -11.45
C PHE D 29 -18.87 4.61 -12.58
N ASN D 30 -19.76 3.81 -13.17
CA ASN D 30 -19.41 2.76 -14.16
C ASN D 30 -19.22 3.34 -15.56
N GLN D 31 -19.54 4.62 -15.80
CA GLN D 31 -19.25 5.26 -17.11
C GLN D 31 -17.76 5.18 -17.41
N THR D 32 -16.89 5.19 -16.39
CA THR D 32 -15.43 5.07 -16.58
C THR D 32 -14.81 3.99 -15.66
N CYS D 33 -15.58 3.33 -14.80
CA CYS D 33 -15.06 2.39 -13.76
C CYS D 33 -15.82 1.06 -13.74
N SER D 34 -16.44 0.65 -14.86
CA SER D 34 -17.17 -0.64 -14.98
C SER D 34 -16.20 -1.82 -14.79
N HIS D 35 -14.88 -1.61 -14.99
CA HIS D 35 -13.82 -2.65 -14.85
C HIS D 35 -13.38 -2.81 -13.38
N PHE D 36 -14.04 -2.11 -12.45
CA PHE D 36 -13.86 -2.26 -10.98
C PHE D 36 -15.09 -2.97 -10.41
N ARG D 37 -14.93 -3.64 -9.27
CA ARG D 37 -15.98 -4.38 -8.54
C ARG D 37 -16.50 -3.48 -7.40
N ILE D 38 -17.77 -3.08 -7.46
CA ILE D 38 -18.43 -2.27 -6.39
C ILE D 38 -18.74 -3.20 -5.22
N GLU D 39 -18.21 -2.88 -4.05
CA GLU D 39 -18.32 -3.67 -2.80
C GLU D 39 -19.51 -3.16 -2.00
N LYS D 40 -19.67 -1.84 -1.88
CA LYS D 40 -20.95 -1.23 -1.45
C LYS D 40 -20.92 0.28 -1.64
N ILE D 41 -22.08 0.88 -1.45
CA ILE D 41 -22.37 2.33 -1.55
C ILE D 41 -23.13 2.71 -0.29
N GLU D 42 -22.62 3.70 0.45
CA GLU D 42 -23.20 4.25 1.69
C GLU D 42 -23.62 5.70 1.42
N ARG D 43 -24.77 6.10 1.97
CA ARG D 43 -25.18 7.51 2.11
C ARG D 43 -24.60 8.06 3.43
N ILE D 44 -23.85 9.17 3.40
CA ILE D 44 -23.41 9.94 4.60
C ILE D 44 -24.53 10.90 5.01
N GLN D 45 -24.92 10.92 6.28
CA GLN D 45 -26.05 11.75 6.77
C GLN D 45 -25.55 12.62 7.93
N ASN D 46 -25.12 13.85 7.60
CA ASN D 46 -24.54 14.83 8.55
C ASN D 46 -25.42 16.07 8.57
N PRO D 47 -26.53 16.11 9.34
CA PRO D 47 -27.51 17.21 9.24
C PRO D 47 -26.95 18.64 9.30
N ASP D 48 -25.95 18.87 10.15
CA ASP D 48 -25.28 20.19 10.31
C ASP D 48 -24.58 20.52 8.98
N LEU D 49 -23.69 19.65 8.52
CA LEU D 49 -22.92 19.83 7.25
C LEU D 49 -23.88 20.06 6.07
N TRP D 50 -25.00 19.34 6.04
CA TRP D 50 -26.07 19.49 5.01
C TRP D 50 -26.65 20.92 5.06
N ASN D 51 -27.00 21.43 6.25
CA ASN D 51 -27.67 22.75 6.38
C ASN D 51 -26.68 23.86 5.99
N SER D 52 -25.41 23.78 6.39
CA SER D 52 -24.32 24.69 5.97
C SER D 52 -24.21 24.70 4.43
N TYR D 53 -24.20 23.53 3.79
CA TYR D 53 -24.15 23.37 2.31
C TYR D 53 -25.38 24.00 1.65
N GLN D 54 -26.59 23.66 2.08
CA GLN D 54 -27.86 24.22 1.50
C GLN D 54 -27.87 25.73 1.64
N ALA D 55 -27.43 26.29 2.78
CA ALA D 55 -27.38 27.75 3.06
C ALA D 55 -26.41 28.43 2.09
N LYS D 56 -25.24 27.84 1.87
CA LYS D 56 -24.22 28.35 0.91
C LYS D 56 -24.79 28.21 -0.51
N LYS D 57 -25.55 27.15 -0.78
CA LYS D 57 -26.20 26.98 -2.11
C LYS D 57 -27.25 28.09 -2.30
N LYS D 58 -28.04 28.41 -1.28
CA LYS D 58 -29.13 29.44 -1.37
C LYS D 58 -28.55 30.79 -1.82
N THR D 59 -27.38 31.19 -1.29
CA THR D 59 -26.76 32.51 -1.57
C THR D 59 -26.11 32.49 -2.97
N MET D 60 -25.61 31.34 -3.43
CA MET D 60 -25.12 31.18 -4.83
C MET D 60 -26.28 31.35 -5.81
N ASP D 61 -27.43 30.73 -5.52
CA ASP D 61 -28.63 30.72 -6.40
C ASP D 61 -29.20 32.15 -6.50
N ALA D 62 -29.03 32.98 -5.47
CA ALA D 62 -29.54 34.38 -5.45
C ALA D 62 -28.59 35.30 -6.23
N LYS D 63 -27.44 34.77 -6.64
CA LYS D 63 -26.27 35.55 -7.12
C LYS D 63 -25.94 35.24 -8.59
N ASN D 64 -26.03 33.99 -9.06
CA ASN D 64 -25.53 33.60 -10.41
C ASN D 64 -26.69 33.37 -11.39
N GLY D 65 -27.88 33.88 -11.09
CA GLY D 65 -29.02 33.90 -12.03
C GLY D 65 -29.39 32.52 -12.52
N GLN D 66 -29.15 32.20 -13.80
CA GLN D 66 -29.61 30.96 -14.48
C GLN D 66 -28.62 29.82 -14.24
N THR D 67 -27.37 30.13 -13.87
CA THR D 67 -26.29 29.12 -13.74
C THR D 67 -26.79 27.96 -12.87
N MET D 68 -26.52 26.72 -13.30
CA MET D 68 -26.70 25.51 -12.47
C MET D 68 -25.45 25.39 -11.58
N ASN D 69 -25.59 25.76 -10.30
CA ASN D 69 -24.43 25.97 -9.40
C ASN D 69 -23.89 24.62 -8.92
N GLU D 70 -24.78 23.64 -8.83
CA GLU D 70 -24.51 22.28 -8.31
C GLU D 70 -24.10 21.35 -9.44
N LYS D 71 -22.96 20.68 -9.26
CA LYS D 71 -22.55 19.48 -10.04
C LYS D 71 -22.36 18.32 -9.07
N GLN D 72 -22.34 17.10 -9.58
CA GLN D 72 -22.02 15.88 -8.79
C GLN D 72 -20.72 15.32 -9.34
N LEU D 73 -19.68 15.27 -8.50
CA LEU D 73 -18.30 14.94 -8.93
C LEU D 73 -17.72 13.92 -7.97
N PHE D 74 -16.60 13.32 -8.35
CA PHE D 74 -15.95 12.20 -7.64
C PHE D 74 -14.74 12.72 -6.86
N HIS D 75 -14.51 12.18 -5.67
CA HIS D 75 -13.32 12.48 -4.85
C HIS D 75 -12.79 11.19 -4.24
N GLY D 76 -11.65 10.72 -4.77
CA GLY D 76 -10.87 9.61 -4.20
C GLY D 76 -10.14 10.08 -2.95
N THR D 77 -9.98 9.22 -1.96
CA THR D 77 -9.28 9.54 -0.69
C THR D 77 -8.90 8.23 0.00
N ASP D 78 -8.00 8.30 0.99
CA ASP D 78 -7.55 7.14 1.81
C ASP D 78 -8.62 6.87 2.87
N ALA D 79 -8.72 5.62 3.34
CA ALA D 79 -9.71 5.21 4.36
C ALA D 79 -9.58 6.14 5.58
N GLY D 80 -8.33 6.49 5.92
CA GLY D 80 -7.96 7.38 7.05
C GLY D 80 -8.72 8.69 7.05
N SER D 81 -9.06 9.23 5.88
CA SER D 81 -9.66 10.58 5.70
C SER D 81 -11.19 10.52 5.77
N VAL D 82 -11.77 9.32 5.65
CA VAL D 82 -13.24 9.14 5.47
C VAL D 82 -13.98 9.69 6.68
N PRO D 83 -13.57 9.38 7.94
CA PRO D 83 -14.26 9.91 9.12
C PRO D 83 -14.16 11.44 9.20
N HIS D 84 -12.98 12.00 8.92
CA HIS D 84 -12.75 13.48 8.89
C HIS D 84 -13.77 14.12 7.96
N VAL D 85 -13.84 13.60 6.72
CA VAL D 85 -14.70 14.13 5.63
C VAL D 85 -16.16 13.92 6.02
N ASN D 86 -16.52 12.80 6.65
CA ASN D 86 -17.93 12.50 6.96
C ASN D 86 -18.42 13.54 7.97
N ARG D 87 -17.49 14.10 8.74
CA ARG D 87 -17.78 14.99 9.88
C ARG D 87 -17.70 16.45 9.42
N ASN D 88 -16.53 16.83 8.88
CA ASN D 88 -16.12 18.23 8.64
C ASN D 88 -16.41 18.68 7.20
N GLY D 89 -16.70 17.74 6.30
CA GLY D 89 -16.73 18.00 4.85
C GLY D 89 -15.33 18.17 4.27
N PHE D 90 -15.23 18.75 3.09
CA PHE D 90 -13.95 19.03 2.38
C PHE D 90 -13.54 20.45 2.75
N ASN D 91 -13.01 20.61 3.94
CA ASN D 91 -12.75 21.92 4.60
C ASN D 91 -11.28 22.29 4.35
N ARG D 92 -10.86 23.40 4.95
CA ARG D 92 -9.54 24.02 4.67
C ARG D 92 -8.43 23.10 5.21
N SER D 93 -8.61 22.44 6.36
CA SER D 93 -7.57 21.54 6.91
C SER D 93 -7.38 20.36 5.96
N TYR D 94 -8.48 19.81 5.43
CA TYR D 94 -8.47 18.70 4.43
C TYR D 94 -7.79 19.17 3.13
N ALA D 95 -8.12 20.39 2.69
CA ALA D 95 -7.54 21.04 1.49
C ALA D 95 -6.01 21.06 1.55
N GLY D 96 -5.44 21.17 2.76
CA GLY D 96 -3.98 21.11 2.97
C GLY D 96 -3.37 19.82 2.42
N LYS D 97 -4.15 18.73 2.41
CA LYS D 97 -3.69 17.36 1.99
C LYS D 97 -3.83 17.16 0.46
N ASN D 98 -4.52 18.05 -0.27
CA ASN D 98 -4.74 17.93 -1.75
C ASN D 98 -3.54 18.46 -2.52
N ALA D 99 -3.51 18.22 -3.84
CA ALA D 99 -2.56 18.82 -4.81
C ALA D 99 -2.78 20.33 -4.91
N VAL D 100 -1.88 21.05 -5.59
CA VAL D 100 -1.87 22.55 -5.61
C VAL D 100 -1.81 23.12 -7.03
N ALA D 101 -1.59 22.31 -8.07
CA ALA D 101 -1.24 22.80 -9.44
C ALA D 101 -2.29 23.81 -9.96
N TYR D 102 -3.57 23.70 -9.54
CA TYR D 102 -4.68 24.58 -9.97
C TYR D 102 -5.26 25.38 -8.80
N GLY D 103 -4.55 25.42 -7.66
CA GLY D 103 -4.92 26.19 -6.44
C GLY D 103 -4.89 25.33 -5.19
N LYS D 104 -4.88 25.93 -4.00
CA LYS D 104 -4.89 25.24 -2.68
C LYS D 104 -6.33 25.13 -2.18
N GLY D 105 -7.01 24.04 -2.54
CA GLY D 105 -8.40 23.71 -2.19
C GLY D 105 -8.62 22.22 -2.36
N THR D 106 -9.87 21.74 -2.33
CA THR D 106 -10.19 20.31 -2.54
C THR D 106 -10.55 20.07 -4.02
N TYR D 107 -9.97 19.00 -4.58
CA TYR D 107 -10.06 18.62 -6.01
C TYR D 107 -11.18 17.59 -6.20
N PHE D 108 -12.00 17.80 -7.23
CA PHE D 108 -13.12 16.92 -7.62
C PHE D 108 -12.98 16.63 -9.12
N ALA D 109 -13.06 15.35 -9.51
CA ALA D 109 -13.01 14.91 -10.92
C ALA D 109 -14.44 14.83 -11.46
N VAL D 110 -14.60 15.13 -12.76
CA VAL D 110 -15.85 14.95 -13.54
C VAL D 110 -16.05 13.45 -13.76
N ASN D 111 -14.95 12.71 -13.98
CA ASN D 111 -14.96 11.26 -14.28
C ASN D 111 -14.38 10.46 -13.11
N ALA D 112 -15.12 9.45 -12.65
CA ALA D 112 -14.74 8.57 -11.53
C ALA D 112 -13.33 7.98 -11.74
N ASN D 113 -12.92 7.67 -12.97
CA ASN D 113 -11.65 6.92 -13.19
C ASN D 113 -10.45 7.82 -12.91
N TYR D 114 -10.63 9.14 -12.83
CA TYR D 114 -9.57 10.09 -12.39
C TYR D 114 -9.38 9.86 -10.88
N SER D 115 -10.49 9.94 -10.13
CA SER D 115 -10.57 9.75 -8.66
C SER D 115 -10.11 8.33 -8.28
N ALA D 116 -10.37 7.33 -9.12
CA ALA D 116 -10.09 5.91 -8.86
C ALA D 116 -8.59 5.60 -8.98
N ASN D 117 -7.77 6.56 -9.41
CA ASN D 117 -6.30 6.41 -9.39
C ASN D 117 -5.85 6.10 -7.96
N ASP D 118 -4.83 5.24 -7.79
CA ASP D 118 -4.36 4.78 -6.45
C ASP D 118 -3.73 5.93 -5.66
N THR D 119 -3.26 6.98 -6.36
CA THR D 119 -2.67 8.20 -5.74
C THR D 119 -3.72 8.88 -4.84
N TYR D 120 -5.01 8.82 -5.23
CA TYR D 120 -6.11 9.57 -4.57
C TYR D 120 -6.87 8.61 -3.67
N SER D 121 -7.56 7.62 -4.26
CA SER D 121 -8.28 6.55 -3.53
C SER D 121 -7.30 5.43 -3.22
N ARG D 122 -6.38 5.69 -2.29
CA ARG D 122 -5.31 4.75 -1.88
C ARG D 122 -5.98 3.48 -1.36
N PRO D 123 -5.57 2.28 -1.82
CA PRO D 123 -6.14 1.02 -1.34
C PRO D 123 -5.79 0.78 0.15
N ASP D 124 -6.80 0.48 0.97
CA ASP D 124 -6.65 0.22 2.44
C ASP D 124 -5.97 -1.14 2.60
N ALA D 125 -5.80 -1.61 3.84
CA ALA D 125 -5.05 -2.85 4.17
C ALA D 125 -5.67 -4.06 3.44
N ASN D 126 -6.98 -4.05 3.19
CA ASN D 126 -7.76 -5.11 2.50
C ASN D 126 -7.75 -4.94 0.97
N GLY D 127 -7.13 -3.87 0.45
CA GLY D 127 -7.14 -3.52 -0.99
C GLY D 127 -8.44 -2.84 -1.41
N ARG D 128 -9.26 -2.36 -0.47
CA ARG D 128 -10.51 -1.60 -0.76
C ARG D 128 -10.16 -0.14 -1.11
N LYS D 129 -10.88 0.42 -2.08
CA LYS D 129 -10.71 1.83 -2.54
C LYS D 129 -11.99 2.62 -2.26
N HIS D 130 -11.81 3.89 -1.90
CA HIS D 130 -12.87 4.81 -1.42
C HIS D 130 -12.94 6.04 -2.32
N VAL D 131 -14.12 6.31 -2.86
CA VAL D 131 -14.37 7.46 -3.77
C VAL D 131 -15.75 8.01 -3.44
N TYR D 132 -15.85 9.32 -3.23
CA TYR D 132 -17.12 10.00 -2.90
C TYR D 132 -17.77 10.51 -4.20
N TYR D 133 -19.10 10.45 -4.24
CA TYR D 133 -19.94 11.13 -5.24
C TYR D 133 -20.55 12.32 -4.53
N VAL D 134 -19.93 13.50 -4.74
CA VAL D 134 -20.04 14.75 -3.93
C VAL D 134 -20.93 15.73 -4.67
N ARG D 135 -21.87 16.38 -3.97
CA ARG D 135 -22.53 17.62 -4.43
C ARG D 135 -21.54 18.78 -4.22
N VAL D 136 -21.07 19.39 -5.30
CA VAL D 136 -20.09 20.52 -5.26
C VAL D 136 -20.78 21.74 -5.86
N LEU D 137 -20.66 22.90 -5.21
CA LEU D 137 -21.17 24.18 -5.78
C LEU D 137 -20.05 24.80 -6.63
N THR D 138 -19.96 24.38 -7.89
CA THR D 138 -18.97 24.85 -8.89
C THR D 138 -19.29 26.29 -9.28
N GLY D 139 -20.58 26.66 -9.25
CA GLY D 139 -21.10 27.98 -9.66
C GLY D 139 -20.52 28.48 -10.98
N ILE D 140 -19.99 29.71 -10.96
CA ILE D 140 -19.27 30.34 -12.11
C ILE D 140 -17.77 30.15 -11.92
N TYR D 141 -17.04 29.57 -12.86
CA TYR D 141 -15.62 29.15 -12.66
C TYR D 141 -14.73 29.66 -13.80
N THR D 142 -13.41 29.64 -13.56
CA THR D 142 -12.36 30.17 -14.47
C THR D 142 -11.17 29.21 -14.41
N HIS D 143 -10.16 29.39 -15.26
CA HIS D 143 -8.90 28.58 -15.24
C HIS D 143 -8.19 28.84 -13.90
N GLY D 144 -7.81 27.79 -13.17
CA GLY D 144 -7.04 27.86 -11.91
C GLY D 144 -5.53 27.91 -12.15
N ASN D 145 -4.72 28.19 -11.12
CA ASN D 145 -3.22 28.13 -11.16
C ASN D 145 -2.65 28.00 -9.74
N HIS D 146 -1.35 27.74 -9.61
CA HIS D 146 -0.69 27.29 -8.35
C HIS D 146 -0.73 28.38 -7.29
N SER D 147 -0.81 29.66 -7.65
CA SER D 147 -0.73 30.80 -6.71
C SER D 147 -2.05 30.95 -5.91
N LEU D 148 -3.18 30.44 -6.40
CA LEU D 148 -4.52 30.75 -5.83
C LEU D 148 -4.70 30.11 -4.45
N ILE D 149 -5.00 30.90 -3.42
CA ILE D 149 -5.54 30.35 -2.13
C ILE D 149 -7.04 30.62 -2.09
N VAL D 150 -7.57 31.41 -3.03
CA VAL D 150 -9.03 31.56 -3.29
C VAL D 150 -9.19 31.90 -4.77
N PRO D 151 -10.41 31.80 -5.34
CA PRO D 151 -10.62 32.12 -6.75
C PRO D 151 -10.37 33.60 -7.01
N PRO D 152 -9.83 33.99 -8.20
CA PRO D 152 -9.72 35.40 -8.56
C PRO D 152 -11.09 36.07 -8.69
N SER D 153 -11.11 37.41 -8.79
CA SER D 153 -12.37 38.19 -8.87
C SER D 153 -12.81 38.25 -10.34
N LYS D 154 -14.12 38.15 -10.55
CA LYS D 154 -14.79 38.33 -11.85
C LYS D 154 -14.86 39.83 -12.15
N ASN D 155 -14.96 40.66 -11.11
CA ASN D 155 -15.45 42.06 -11.19
C ASN D 155 -14.27 43.02 -11.13
N PRO D 156 -13.98 43.81 -12.19
CA PRO D 156 -12.86 44.77 -12.12
C PRO D 156 -13.07 45.90 -11.09
N GLN D 157 -14.32 46.18 -10.70
CA GLN D 157 -14.68 47.21 -9.69
C GLN D 157 -14.57 46.65 -8.26
N ASN D 158 -14.39 45.34 -8.08
CA ASN D 158 -14.65 44.67 -6.78
C ASN D 158 -13.83 43.39 -6.67
N PRO D 159 -12.62 43.42 -6.06
CA PRO D 159 -11.80 42.23 -5.98
C PRO D 159 -12.19 41.27 -4.84
N THR D 160 -13.26 41.56 -4.10
CA THR D 160 -13.90 40.61 -3.14
C THR D 160 -14.99 39.79 -3.84
N ASP D 161 -15.38 40.16 -5.07
CA ASP D 161 -16.46 39.51 -5.88
C ASP D 161 -15.80 38.47 -6.82
N LEU D 162 -15.85 37.21 -6.39
CA LEU D 162 -14.95 36.12 -6.81
C LEU D 162 -15.72 35.11 -7.67
N TYR D 163 -15.00 34.42 -8.55
CA TYR D 163 -15.41 33.12 -9.12
C TYR D 163 -15.66 32.13 -7.97
N ASP D 164 -16.54 31.15 -8.18
CA ASP D 164 -16.97 30.21 -7.11
C ASP D 164 -15.95 29.07 -6.99
N THR D 165 -15.52 28.50 -8.12
CA THR D 165 -14.47 27.48 -8.16
C THR D 165 -13.51 27.81 -9.31
N VAL D 166 -12.49 27.00 -9.49
CA VAL D 166 -11.64 27.03 -10.69
C VAL D 166 -11.61 25.63 -11.28
N THR D 167 -11.14 25.51 -12.53
CA THR D 167 -11.04 24.23 -13.27
C THR D 167 -9.75 24.26 -14.10
N ASP D 168 -9.46 23.16 -14.80
CA ASP D 168 -8.24 23.01 -15.64
C ASP D 168 -8.53 23.51 -17.05
N ASN D 169 -9.83 23.57 -17.42
CA ASN D 169 -10.31 23.94 -18.79
C ASN D 169 -11.79 24.30 -18.69
N VAL D 170 -12.15 25.55 -19.02
CA VAL D 170 -13.47 26.15 -18.66
C VAL D 170 -14.56 25.49 -19.49
N HIS D 171 -14.27 25.16 -20.76
CA HIS D 171 -15.29 24.69 -21.73
C HIS D 171 -15.27 23.16 -21.86
N HIS D 172 -14.15 22.52 -21.52
CA HIS D 172 -14.00 21.04 -21.49
C HIS D 172 -13.35 20.62 -20.16
N PRO D 173 -14.07 20.76 -19.02
CA PRO D 173 -13.48 20.54 -17.70
C PRO D 173 -13.31 19.05 -17.36
N SER D 174 -12.17 18.71 -16.72
N SER D 174 -12.19 18.70 -16.71
CA SER D 174 -11.88 17.36 -16.16
CA SER D 174 -11.88 17.34 -16.16
C SER D 174 -11.96 17.38 -14.63
C SER D 174 -11.91 17.36 -14.61
N LEU D 175 -11.73 18.54 -13.99
CA LEU D 175 -11.70 18.67 -12.50
C LEU D 175 -12.16 20.07 -12.04
N PHE D 176 -12.43 20.19 -10.75
CA PHE D 176 -12.85 21.45 -10.07
C PHE D 176 -12.18 21.55 -8.70
N VAL D 177 -11.67 22.74 -8.36
CA VAL D 177 -11.12 23.06 -7.01
C VAL D 177 -12.15 23.94 -6.27
N ALA D 178 -12.60 23.50 -5.10
CA ALA D 178 -13.45 24.27 -4.16
C ALA D 178 -12.59 24.68 -2.95
N PHE D 179 -12.81 25.90 -2.44
CA PHE D 179 -11.90 26.60 -1.49
C PHE D 179 -12.56 26.92 -0.15
N TYR D 180 -13.86 26.68 0.02
CA TYR D 180 -14.58 27.04 1.26
C TYR D 180 -15.20 25.78 1.89
N ASP D 181 -15.38 25.84 3.21
CA ASP D 181 -15.64 24.68 4.09
C ASP D 181 -17.00 24.02 3.76
N TYR D 182 -17.98 24.78 3.27
CA TYR D 182 -19.38 24.31 3.15
C TYR D 182 -19.84 24.32 1.70
N GLN D 183 -18.88 24.25 0.76
CA GLN D 183 -19.10 24.33 -0.71
C GLN D 183 -19.34 22.95 -1.33
N ALA D 184 -19.15 21.86 -0.58
CA ALA D 184 -19.22 20.46 -1.06
C ALA D 184 -19.79 19.59 0.06
N TYR D 185 -20.75 18.72 -0.27
CA TYR D 185 -21.37 17.75 0.68
C TYR D 185 -21.09 16.33 0.20
N PRO D 186 -20.41 15.49 1.01
CA PRO D 186 -20.00 14.16 0.58
C PRO D 186 -21.16 13.15 0.67
N GLU D 187 -22.11 13.21 -0.26
CA GLU D 187 -23.45 12.58 -0.17
C GLU D 187 -23.34 11.04 -0.14
N TYR D 188 -22.50 10.48 -1.01
CA TYR D 188 -22.37 9.02 -1.22
C TYR D 188 -20.89 8.64 -1.19
N LEU D 189 -20.61 7.51 -0.52
CA LEU D 189 -19.27 6.89 -0.49
C LEU D 189 -19.35 5.53 -1.16
N ILE D 190 -18.55 5.36 -2.22
CA ILE D 190 -18.46 4.11 -3.02
C ILE D 190 -17.21 3.37 -2.57
N THR D 191 -17.41 2.18 -2.00
CA THR D 191 -16.32 1.24 -1.64
C THR D 191 -16.27 0.20 -2.76
N PHE D 192 -15.07 -0.06 -3.31
CA PHE D 192 -14.87 -0.88 -4.51
C PHE D 192 -13.45 -1.43 -4.52
N ARG D 193 -13.19 -2.46 -5.34
CA ARG D 193 -11.85 -3.11 -5.50
C ARG D 193 -11.64 -3.51 -6.96
N LYS D 194 -10.44 -3.96 -7.31
CA LYS D 194 -10.00 -4.25 -8.71
C LYS D 194 -10.67 -5.55 -9.22
C4 XRM E . -2.24 -3.28 20.81
C5 XRM E . -1.80 -4.22 19.85
C6 XRM E . -0.89 -5.19 20.20
C7 XRM E . -3.23 -2.28 20.38
C13 XRM E . 2.33 -6.73 20.44
C15 XRM E . 2.72 -9.10 21.08
C17 XRM E . -3.43 -3.24 16.73
C20 XRM E . -3.74 -2.18 13.67
C21 XRM E . -3.91 -2.29 12.15
C24 XRM E . -1.39 -1.50 13.43
C1 XRM E . -0.41 -5.27 21.51
C2 XRM E . -0.87 -4.36 22.47
C3 XRM E . -1.76 -3.37 22.13
N8 XRM E . -3.61 -2.34 19.08
C9 XRM E . -3.08 -3.25 18.20
N10 XRM E . -2.22 -4.14 18.56
N11 XRM E . 0.50 -6.25 21.93
C12 XRM E . 1.04 -7.26 21.02
C14 XRM E . 3.09 -8.02 20.03
C16 XRM E . 1.50 -8.49 21.83
S18 XRM E . -1.92 -2.89 15.74
C19 XRM E . -2.28 -2.60 13.97
N22 XRM E . -2.91 -1.41 11.51
C23 XRM E . -1.50 -1.59 11.92
F25 XRM E . -2.15 -2.51 23.08
O26 XRM E . -3.73 -1.48 21.18
CL CL F . -21.54 -17.41 26.48
CL CL G . -16.63 -17.76 23.26
C1 EDO H . -24.80 2.19 21.61
O1 EDO H . -24.36 2.37 22.95
C2 EDO H . -26.19 2.64 21.38
O2 EDO H . -26.76 2.00 20.24
C4 XRM I . 7.35 -16.40 5.98
C5 XRM I . 6.93 -15.30 6.78
C6 XRM I . 6.46 -15.52 8.09
C7 XRM I . 7.86 -16.11 4.65
C13 XRM I . 4.16 -15.46 10.61
C15 XRM I . 4.53 -15.61 13.05
C17 XRM I . 7.56 -12.36 4.62
C20 XRM I . 7.31 -9.40 3.53
C21 XRM I . 7.21 -7.94 3.13
C24 XRM I . 4.84 -9.58 3.11
C1 XRM I . 6.40 -16.82 8.59
C2 XRM I . 6.81 -17.88 7.78
C3 XRM I . 7.28 -17.69 6.50
N8 XRM I . 7.91 -14.81 4.29
C9 XRM I . 7.48 -13.80 5.10
N10 XRM I . 7.02 -14.04 6.28
N11 XRM I . 5.93 -17.09 9.88
C12 XRM I . 5.58 -16.03 10.85
C14 XRM I . 3.45 -15.34 11.98
C16 XRM I . 5.51 -16.56 12.30
S18 XRM I . 5.92 -11.58 4.62
C19 XRM I . 5.96 -9.82 4.13
N22 XRM I . 6.15 -7.80 2.14
C23 XRM I . 4.83 -8.11 2.72
F25 XRM I . 7.69 -18.75 5.76
O26 XRM I . 8.28 -16.97 3.89
CL CL J . 30.58 -16.34 14.35
C1 EDO K . 25.76 -12.82 15.67
O1 EDO K . 25.87 -11.81 14.69
C2 EDO K . 24.98 -13.98 15.21
O2 EDO K . 25.47 -15.18 15.75
C1 EDO L . 28.41 -15.29 -6.29
O1 EDO L . 28.07 -13.92 -6.35
C2 EDO L . 27.25 -16.18 -6.03
O2 EDO L . 27.61 -17.53 -6.12
C4 XRM M . 4.15 6.77 -18.35
C5 XRM M . 2.97 6.02 -18.59
C6 XRM M . 1.88 6.63 -19.26
C7 XRM M . 5.26 6.12 -17.63
C13 XRM M . -1.27 8.03 -19.40
C15 XRM M . -2.60 8.72 -21.22
C17 XRM M . 3.78 2.75 -16.96
C20 XRM M . 3.50 0.11 -15.08
C21 XRM M . 3.14 -1.26 -14.51
C24 XRM M . 1.97 1.17 -13.42
C1 XRM M . 1.98 7.95 -19.71
C2 XRM M . 3.14 8.67 -19.47
C3 XRM M . 4.20 8.10 -18.81
N8 XRM M . 5.08 4.84 -17.26
C9 XRM M . 3.92 4.18 -17.49
N10 XRM M . 2.92 4.73 -18.11
N11 XRM M . 0.97 8.63 -20.40
C12 XRM M . -0.37 8.06 -20.67
C14 XRM M . -2.51 8.89 -19.68
C16 XRM M . -1.14 8.97 -21.64
S18 XRM M . 2.49 2.70 -15.66
C19 XRM M . 2.27 1.03 -14.92
N22 XRM M . 2.62 -1.17 -13.13
C23 XRM M . 1.53 -0.21 -12.91
F25 XRM M . 5.31 8.83 -18.62
O26 XRM M . 6.29 6.71 -17.39
CL CL N . 25.20 -3.31 -22.30
C4 XRM O . -8.45 13.91 -7.01
C5 XRM O . -7.41 14.71 -6.45
C6 XRM O . -6.64 15.54 -7.30
C7 XRM O . -9.21 13.04 -6.10
C13 XRM O . -3.78 15.97 -9.40
C15 XRM O . -2.99 18.14 -10.25
C17 XRM O . -7.43 13.78 -2.86
C20 XRM O . -6.37 12.59 -0.03
C21 XRM O . -5.78 12.39 1.36
C24 XRM O . -4.30 11.51 -0.96
C1 XRM O . -6.90 15.60 -8.66
C2 XRM O . -7.94 14.83 -9.18
C3 XRM O . -8.70 14.00 -8.38
N8 XRM O . -8.86 13.08 -4.80
C9 XRM O . -7.84 13.85 -4.33
N10 XRM O . -7.15 14.61 -5.12
N11 XRM O . -6.20 16.43 -9.53
C12 XRM O . -4.89 17.02 -9.24
C14 XRM O . -2.68 16.60 -10.28
C16 XRM O . -4.54 18.09 -10.28
S18 XRM O . -5.76 13.01 -2.75
C19 XRM O . -5.21 12.76 -1.02
N22 XRM O . -4.87 11.24 1.38
C23 XRM O . -3.73 11.38 0.45
F25 XRM O . -9.68 13.27 -8.92
O26 XRM O . -10.12 12.31 -6.45
CL CL P . -19.41 14.13 -13.07
C1 EDO Q . -28.72 13.90 3.86
O1 EDO Q . -29.25 14.11 2.57
C2 EDO Q . -29.59 14.47 4.94
O2 EDO Q . -28.91 14.79 6.15
#